data_5HE4
#
_entry.id   5HE4
#
_cell.length_a   86.390
_cell.length_b   89.370
_cell.length_c   131.240
_cell.angle_alpha   90.000
_cell.angle_beta   90.000
_cell.angle_gamma   90.000
#
_symmetry.space_group_name_H-M   'P 21 21 21'
#
loop_
_entity.id
_entity.type
_entity.pdbx_description
1 polymer 'Beta-secretase 1'
2 non-polymer (2E,4aR,7aS)-7a-(2,6-difluorophenyl)-6-(5-fluoro-4-methoxy-6-methylpyrimidin-2-yl)-2-imino-3-methyloctahydro-4H-pyrrolo[3,4-d]pyrimidin-4-one
3 non-polymer 'L(+)-TARTARIC ACID'
4 water water
#
_entity_poly.entity_id   1
_entity_poly.type   'polypeptide(L)'
_entity_poly.pdbx_seq_one_letter_code
;LRLPRETDEEPEEPGRRGSFVEMVDNLRGKSGQGYYVEMTVGSPPQTLNILVDTGSSNFAVGAAPHPFLHRYYQRQLSST
YRDLRKGVYVPYTQGKWEGELGTDLVSIPHGPNVTVRANIAAITESDKFFINGSNWEGILGLAYAEIARPDDSLEPFFDS
LVKQTHVPNLFSLQLCGAGFPLNQSEVLASVGGSMIIGGIDHSLYTGSLWYTPIRREWYYEVIIVRVEINGQDLKMDCKE
YNYDKSIVDSGTTNLRLPKKVFEAAVKSIKAASSTEKFPDGFWLGEQLVCWQAGTTPWNIFPVISLYLMGEVTNQSFRIT
ILPQQYLRPVEDVATSQDDCYKFAISQSSTGTVMGAVIMEGFYVVFDRARKRIGFAVSACHVHDEFRTAAVEGPFVTLDM
EDCGYNIPQTDEST
;
_entity_poly.pdbx_strand_id   A,B
#
loop_
_chem_comp.id
_chem_comp.type
_chem_comp.name
_chem_comp.formula
60T non-polymer (2E,4aR,7aS)-7a-(2,6-difluorophenyl)-6-(5-fluoro-4-methoxy-6-methylpyrimidin-2-yl)-2-imino-3-methyloctahydro-4H-pyrrolo[3,4-d]pyrimidin-4-one 'C19 H19 F3 N6 O2'
TLA non-polymer 'L(+)-TARTARIC ACID' 'C4 H6 O6'
#
# COMPACT_ATOMS: atom_id res chain seq x y z
N GLY A 18 29.05 29.48 -5.90
CA GLY A 18 29.02 30.90 -6.24
C GLY A 18 28.31 31.28 -7.52
N SER A 19 29.12 31.59 -8.57
CA SER A 19 28.71 32.03 -9.91
C SER A 19 29.56 31.25 -10.96
N PHE A 20 28.86 30.53 -11.82
CA PHE A 20 29.41 29.65 -12.85
C PHE A 20 28.79 30.02 -14.17
N VAL A 21 29.01 31.29 -14.60
CA VAL A 21 28.44 31.84 -15.82
C VAL A 21 28.67 30.98 -17.04
N GLU A 22 29.85 30.34 -17.15
CA GLU A 22 30.17 29.51 -18.30
CA GLU A 22 30.16 29.50 -18.32
C GLU A 22 29.21 28.31 -18.44
N MET A 23 28.63 27.85 -17.30
CA MET A 23 27.71 26.71 -17.33
C MET A 23 26.23 27.08 -17.22
N VAL A 24 25.92 28.32 -16.84
CA VAL A 24 24.51 28.70 -16.76
C VAL A 24 23.90 28.68 -18.19
N ASP A 25 22.67 28.15 -18.30
CA ASP A 25 21.89 28.09 -19.51
C ASP A 25 22.50 27.16 -20.58
N ASN A 26 23.16 26.09 -20.12
CA ASN A 26 23.80 25.14 -21.03
C ASN A 26 22.92 23.97 -21.41
N LEU A 27 21.68 23.92 -20.88
CA LEU A 27 20.76 22.84 -21.26
C LEU A 27 19.68 23.28 -22.23
N ARG A 28 19.14 22.31 -22.96
CA ARG A 28 17.99 22.49 -23.83
C ARG A 28 17.09 21.26 -23.68
N GLY A 29 15.84 21.38 -24.10
CA GLY A 29 14.91 20.27 -24.04
C GLY A 29 13.68 20.56 -23.23
N LYS A 30 12.99 19.49 -22.82
CA LYS A 30 11.72 19.62 -22.08
C LYS A 30 11.44 18.34 -21.34
N SER A 31 10.48 18.35 -20.41
CA SER A 31 10.28 17.19 -19.56
C SER A 31 9.92 15.90 -20.30
N GLY A 32 9.12 16.01 -21.35
CA GLY A 32 8.68 14.85 -22.11
C GLY A 32 9.77 14.17 -22.93
N GLN A 33 10.72 14.96 -23.50
CA GLN A 33 11.77 14.39 -24.38
C GLN A 33 13.16 14.39 -23.73
N GLY A 34 13.26 14.98 -22.55
CA GLY A 34 14.50 15.06 -21.78
C GLY A 34 15.26 16.33 -22.03
N TYR A 35 16.21 16.61 -21.12
CA TYR A 35 17.09 17.79 -21.16
C TYR A 35 18.46 17.32 -21.54
N TYR A 36 19.14 18.06 -22.42
CA TYR A 36 20.44 17.60 -22.91
C TYR A 36 21.46 18.73 -22.87
N VAL A 37 22.73 18.34 -22.86
CA VAL A 37 23.88 19.23 -22.81
C VAL A 37 24.77 18.87 -24.00
N GLU A 38 25.48 19.87 -24.52
CA GLU A 38 26.40 19.59 -25.63
C GLU A 38 27.67 18.98 -25.06
N MET A 39 28.20 17.95 -25.76
CA MET A 39 29.47 17.36 -25.33
C MET A 39 30.29 17.12 -26.59
N THR A 40 31.59 16.88 -26.41
CA THR A 40 32.40 16.45 -27.55
C THR A 40 33.08 15.15 -27.20
N VAL A 41 33.25 14.31 -28.22
CA VAL A 41 33.94 13.02 -28.05
C VAL A 41 34.97 12.90 -29.17
N GLY A 42 36.15 12.36 -28.82
CA GLY A 42 37.16 12.06 -29.83
C GLY A 42 38.09 13.19 -30.21
N SER A 43 39.07 12.84 -31.11
CA SER A 43 40.08 13.78 -31.60
C SER A 43 40.15 13.61 -33.11
N PRO A 44 39.81 14.67 -33.90
CA PRO A 44 39.32 15.99 -33.47
C PRO A 44 37.94 15.81 -32.80
N PRO A 45 37.49 16.81 -32.03
CA PRO A 45 36.22 16.65 -31.31
C PRO A 45 35.00 16.51 -32.20
N GLN A 46 34.13 15.54 -31.86
CA GLN A 46 32.86 15.30 -32.52
C GLN A 46 31.79 15.79 -31.57
N THR A 47 31.05 16.84 -31.98
CA THR A 47 30.00 17.40 -31.12
C THR A 47 28.73 16.53 -31.17
N LEU A 48 28.16 16.27 -29.98
CA LEU A 48 26.90 15.52 -29.84
C LEU A 48 26.08 16.16 -28.73
N ASN A 49 24.74 16.05 -28.85
CA ASN A 49 23.84 16.48 -27.79
C ASN A 49 23.54 15.27 -26.91
N ILE A 50 23.67 15.42 -25.59
CA ILE A 50 23.60 14.26 -24.72
C ILE A 50 22.60 14.48 -23.60
N LEU A 51 21.63 13.57 -23.46
CA LEU A 51 20.60 13.66 -22.42
C LEU A 51 21.24 13.53 -21.03
N VAL A 52 20.88 14.42 -20.09
CA VAL A 52 21.37 14.36 -18.73
C VAL A 52 20.46 13.43 -17.94
N ASP A 53 21.01 12.27 -17.49
CA ASP A 53 20.22 11.22 -16.86
C ASP A 53 20.74 10.84 -15.47
N THR A 54 20.09 11.34 -14.42
CA THR A 54 20.50 10.91 -13.08
C THR A 54 19.95 9.53 -12.69
N GLY A 55 19.23 8.85 -13.62
CA GLY A 55 18.66 7.53 -13.37
C GLY A 55 19.45 6.37 -13.96
N SER A 56 20.65 6.63 -14.53
CA SER A 56 21.51 5.56 -15.07
C SER A 56 22.95 5.99 -14.89
N SER A 57 23.90 5.08 -15.19
CA SER A 57 25.30 5.36 -14.89
C SER A 57 26.25 5.09 -16.03
N ASN A 58 25.75 4.96 -17.24
CA ASN A 58 26.60 4.77 -18.43
C ASN A 58 26.58 5.99 -19.32
N PHE A 59 27.71 6.23 -20.01
CA PHE A 59 27.77 7.24 -21.05
C PHE A 59 27.65 6.44 -22.35
N ALA A 60 26.55 6.61 -23.07
CA ALA A 60 26.26 5.79 -24.25
C ALA A 60 25.80 6.68 -25.36
N VAL A 61 26.45 6.56 -26.52
CA VAL A 61 26.13 7.44 -27.63
C VAL A 61 25.84 6.68 -28.92
N GLY A 62 24.95 7.22 -29.76
CA GLY A 62 24.72 6.64 -31.09
C GLY A 62 26.04 6.56 -31.83
N ALA A 63 26.36 5.39 -32.39
CA ALA A 63 27.63 5.20 -33.09
C ALA A 63 27.44 4.51 -34.43
N ALA A 64 26.20 4.53 -34.96
CA ALA A 64 25.85 3.93 -36.24
C ALA A 64 24.61 4.65 -36.75
N PRO A 65 24.38 4.68 -38.08
CA PRO A 65 23.18 5.36 -38.59
C PRO A 65 21.88 4.84 -38.00
N HIS A 66 20.96 5.78 -37.73
CA HIS A 66 19.62 5.51 -37.21
C HIS A 66 18.71 6.56 -37.82
N PRO A 67 17.46 6.20 -38.22
CA PRO A 67 16.56 7.21 -38.83
C PRO A 67 16.31 8.47 -38.00
N PHE A 68 16.41 8.38 -36.66
CA PHE A 68 16.15 9.50 -35.75
C PHE A 68 17.41 10.30 -35.37
N LEU A 69 18.58 9.93 -35.92
CA LEU A 69 19.84 10.62 -35.62
C LEU A 69 20.35 11.35 -36.85
N HIS A 70 20.75 12.64 -36.72
CA HIS A 70 21.34 13.30 -37.88
C HIS A 70 22.88 13.32 -37.74
N ARG A 71 23.37 12.82 -36.60
CA ARG A 71 24.79 12.67 -36.37
C ARG A 71 25.04 11.58 -35.36
N TYR A 72 26.27 11.02 -35.36
CA TYR A 72 26.62 9.94 -34.46
C TYR A 72 28.13 9.90 -34.29
N TYR A 73 28.58 9.19 -33.26
CA TYR A 73 30.01 9.04 -32.97
C TYR A 73 30.64 8.11 -33.98
N GLN A 74 31.67 8.60 -34.66
CA GLN A 74 32.42 7.85 -35.69
C GLN A 74 33.80 7.52 -35.14
N ARG A 75 33.92 6.35 -34.53
CA ARG A 75 35.14 5.90 -33.84
C ARG A 75 36.35 5.88 -34.76
N GLN A 76 36.15 5.48 -36.03
CA GLN A 76 37.25 5.41 -37.01
C GLN A 76 37.86 6.79 -37.32
N LEU A 77 37.12 7.89 -37.00
CA LEU A 77 37.61 9.25 -37.24
C LEU A 77 38.29 9.86 -36.00
N SER A 78 38.35 9.09 -34.89
CA SER A 78 38.97 9.60 -33.68
C SER A 78 40.34 8.94 -33.46
N SER A 79 41.40 9.75 -33.42
CA SER A 79 42.76 9.21 -33.21
C SER A 79 42.98 8.74 -31.77
N THR A 80 42.09 9.20 -30.84
CA THR A 80 42.22 8.85 -29.43
C THR A 80 41.25 7.75 -28.99
N TYR A 81 40.52 7.19 -29.94
CA TYR A 81 39.62 6.08 -29.65
C TYR A 81 40.43 4.85 -29.21
N ARG A 82 39.96 4.17 -28.16
CA ARG A 82 40.56 2.93 -27.68
C ARG A 82 39.44 1.89 -27.56
N ASP A 83 39.58 0.75 -28.24
CA ASP A 83 38.60 -0.31 -28.23
C ASP A 83 38.80 -1.19 -26.99
N LEU A 84 37.75 -1.37 -26.16
CA LEU A 84 37.85 -2.22 -24.97
C LEU A 84 37.55 -3.69 -25.32
N ARG A 85 37.16 -3.98 -26.59
CA ARG A 85 36.88 -5.34 -27.12
C ARG A 85 35.82 -6.04 -26.28
N LYS A 86 34.78 -5.32 -25.88
CA LYS A 86 33.73 -5.87 -25.05
C LYS A 86 32.40 -5.25 -25.46
N GLY A 87 31.37 -6.07 -25.51
CA GLY A 87 30.03 -5.63 -25.82
C GLY A 87 29.26 -5.30 -24.56
N VAL A 88 28.14 -4.62 -24.73
CA VAL A 88 27.24 -4.28 -23.63
C VAL A 88 25.80 -4.31 -24.18
N TYR A 89 24.91 -5.05 -23.49
CA TYR A 89 23.50 -5.23 -23.86
C TYR A 89 22.68 -4.68 -22.73
N VAL A 90 21.81 -3.69 -23.03
CA VAL A 90 21.02 -3.06 -21.99
C VAL A 90 19.52 -3.11 -22.30
N PRO A 91 18.83 -4.17 -21.85
CA PRO A 91 17.36 -4.19 -21.99
C PRO A 91 16.76 -3.48 -20.77
N TYR A 92 15.84 -2.54 -21.01
CA TYR A 92 15.16 -1.86 -19.91
C TYR A 92 13.64 -1.97 -20.14
N THR A 93 12.80 -1.52 -19.19
CA THR A 93 11.34 -1.68 -19.28
C THR A 93 10.76 -1.13 -20.61
N GLN A 94 11.07 0.14 -20.96
CA GLN A 94 10.53 0.79 -22.16
C GLN A 94 11.30 0.57 -23.47
N GLY A 95 12.44 -0.10 -23.42
CA GLY A 95 13.23 -0.33 -24.63
C GLY A 95 14.52 -1.08 -24.45
N LYS A 96 15.48 -0.87 -25.38
CA LYS A 96 16.76 -1.57 -25.37
C LYS A 96 17.80 -0.91 -26.27
N TRP A 97 19.06 -1.16 -25.93
CA TRP A 97 20.20 -0.75 -26.73
C TRP A 97 21.34 -1.75 -26.55
N GLU A 98 22.16 -1.86 -27.57
CA GLU A 98 23.33 -2.73 -27.58
C GLU A 98 24.49 -1.89 -28.09
N GLY A 99 25.66 -2.16 -27.55
CA GLY A 99 26.81 -1.40 -27.99
C GLY A 99 28.14 -2.06 -27.79
N GLU A 100 29.18 -1.29 -28.14
CA GLU A 100 30.56 -1.72 -28.04
C GLU A 100 31.29 -0.75 -27.14
N LEU A 101 31.99 -1.27 -26.12
CA LEU A 101 32.71 -0.45 -25.15
C LEU A 101 34.06 0.00 -25.65
N GLY A 102 34.39 1.22 -25.32
CA GLY A 102 35.68 1.82 -25.63
C GLY A 102 35.91 3.03 -24.76
N THR A 103 37.05 3.71 -24.94
CA THR A 103 37.31 4.95 -24.23
C THR A 103 37.74 6.01 -25.26
N ASP A 104 37.56 7.29 -24.89
CA ASP A 104 37.98 8.39 -25.74
C ASP A 104 38.07 9.64 -24.89
N LEU A 105 38.59 10.73 -25.49
CA LEU A 105 38.66 11.99 -24.78
C LEU A 105 37.33 12.70 -24.95
N VAL A 106 36.79 13.17 -23.80
CA VAL A 106 35.46 13.79 -23.73
C VAL A 106 35.55 15.16 -23.05
N SER A 107 34.79 16.12 -23.60
CA SER A 107 34.72 17.47 -23.05
C SER A 107 33.27 17.93 -23.06
N ILE A 108 33.00 18.98 -22.27
CA ILE A 108 31.69 19.63 -22.19
C ILE A 108 31.97 21.11 -22.53
N PRO A 109 31.68 21.53 -23.78
CA PRO A 109 32.04 22.92 -24.19
C PRO A 109 31.55 24.02 -23.24
N HIS A 110 30.31 23.88 -22.72
CA HIS A 110 29.78 24.86 -21.76
C HIS A 110 29.82 24.20 -20.40
N GLY A 111 31.04 23.86 -19.99
CA GLY A 111 31.27 23.10 -18.77
C GLY A 111 32.57 23.49 -18.12
N PRO A 112 33.18 22.56 -17.37
CA PRO A 112 34.49 22.84 -16.78
C PRO A 112 35.50 22.82 -17.95
N ASN A 113 36.49 23.60 -17.87
CA ASN A 113 37.43 23.66 -18.97
C ASN A 113 38.47 22.55 -18.84
N VAL A 114 38.00 21.29 -18.95
CA VAL A 114 38.84 20.10 -18.81
C VAL A 114 38.44 19.09 -19.87
N THR A 115 39.35 18.17 -20.16
CA THR A 115 39.07 17.07 -21.09
C THR A 115 39.50 15.84 -20.35
N VAL A 116 38.66 14.82 -20.38
CA VAL A 116 38.96 13.59 -19.66
C VAL A 116 38.84 12.38 -20.53
N ARG A 117 39.54 11.32 -20.12
CA ARG A 117 39.44 10.04 -20.79
C ARG A 117 38.33 9.26 -20.10
N ALA A 118 37.27 8.95 -20.84
CA ALA A 118 36.10 8.31 -20.25
C ALA A 118 35.65 7.10 -21.03
N ASN A 119 34.93 6.20 -20.35
CA ASN A 119 34.29 5.08 -21.02
C ASN A 119 33.12 5.58 -21.90
N ILE A 120 32.96 4.99 -23.07
CA ILE A 120 31.86 5.31 -23.96
C ILE A 120 31.32 4.01 -24.52
N ALA A 121 30.01 3.83 -24.41
CA ALA A 121 29.36 2.71 -25.04
C ALA A 121 28.86 3.21 -26.39
N ALA A 122 29.41 2.65 -27.45
CA ALA A 122 29.10 3.04 -28.80
C ALA A 122 27.89 2.22 -29.23
N ILE A 123 26.73 2.87 -29.28
CA ILE A 123 25.47 2.17 -29.59
C ILE A 123 25.40 1.80 -31.07
N THR A 124 25.30 0.48 -31.32
CA THR A 124 25.25 -0.06 -32.67
C THR A 124 23.86 -0.56 -33.09
N GLU A 125 23.02 -0.91 -32.10
CA GLU A 125 21.65 -1.42 -32.29
C GLU A 125 20.79 -0.92 -31.16
N SER A 126 19.53 -0.55 -31.45
CA SER A 126 18.62 -0.07 -30.41
C SER A 126 17.16 -0.27 -30.80
N ASP A 127 16.28 -0.26 -29.79
CA ASP A 127 14.84 -0.41 -29.99
C ASP A 127 14.12 0.51 -29.03
N LYS A 128 13.37 1.48 -29.59
CA LYS A 128 12.59 2.50 -28.86
C LYS A 128 13.43 3.34 -27.90
N PHE A 129 14.74 3.51 -28.21
CA PHE A 129 15.66 4.29 -27.39
C PHE A 129 15.73 5.72 -27.90
N PHE A 130 16.16 5.92 -29.16
CA PHE A 130 16.22 7.25 -29.76
C PHE A 130 14.81 7.79 -30.03
N ILE A 131 14.57 9.07 -29.69
CA ILE A 131 13.27 9.73 -29.85
C ILE A 131 13.34 10.69 -31.03
N ASN A 132 12.43 10.53 -31.99
CA ASN A 132 12.32 11.40 -33.16
C ASN A 132 12.06 12.85 -32.71
N GLY A 133 12.97 13.76 -33.10
CA GLY A 133 12.88 15.18 -32.78
C GLY A 133 13.33 15.61 -31.39
N SER A 134 13.97 14.71 -30.61
CA SER A 134 14.45 15.03 -29.25
C SER A 134 15.71 15.92 -29.28
N ASN A 135 16.44 15.84 -30.39
CA ASN A 135 17.69 16.55 -30.67
C ASN A 135 18.90 15.98 -29.88
N TRP A 136 18.75 14.84 -29.18
CA TRP A 136 19.90 14.23 -28.50
C TRP A 136 20.31 12.92 -29.17
N GLU A 137 21.62 12.62 -29.08
CA GLU A 137 22.25 11.47 -29.73
C GLU A 137 22.89 10.51 -28.77
N GLY A 138 22.74 10.76 -27.49
CA GLY A 138 23.32 9.87 -26.48
C GLY A 138 22.84 10.26 -25.11
N ILE A 139 23.28 9.49 -24.11
CA ILE A 139 22.86 9.69 -22.72
C ILE A 139 24.03 9.74 -21.81
N LEU A 140 24.02 10.69 -20.86
CA LEU A 140 25.03 10.79 -19.84
C LEU A 140 24.43 10.30 -18.52
N GLY A 141 24.75 9.06 -18.16
CA GLY A 141 24.32 8.49 -16.90
C GLY A 141 25.16 9.05 -15.77
N LEU A 142 24.51 9.80 -14.86
CA LEU A 142 25.20 10.49 -13.78
C LEU A 142 25.12 9.80 -12.43
N ALA A 143 24.45 8.65 -12.35
CA ALA A 143 24.34 7.91 -11.09
C ALA A 143 25.62 7.08 -10.85
N TYR A 144 25.61 6.23 -9.83
CA TYR A 144 26.82 5.55 -9.35
C TYR A 144 27.14 4.24 -10.06
N ALA A 145 28.41 3.82 -9.90
CA ALA A 145 28.92 2.62 -10.55
C ALA A 145 28.15 1.34 -10.26
N GLU A 146 27.50 1.24 -9.05
CA GLU A 146 26.73 0.04 -8.74
C GLU A 146 25.78 -0.39 -9.84
N ILE A 147 25.12 0.58 -10.55
CA ILE A 147 24.14 0.27 -11.56
C ILE A 147 24.67 0.42 -13.01
N ALA A 148 26.02 0.58 -13.15
CA ALA A 148 26.63 0.65 -14.47
C ALA A 148 26.57 -0.71 -15.16
N ARG A 149 26.49 -0.69 -16.48
CA ARG A 149 26.44 -1.90 -17.30
C ARG A 149 27.75 -2.03 -18.06
N PRO A 150 28.28 -3.25 -18.24
CA PRO A 150 27.73 -4.56 -17.81
C PRO A 150 27.78 -4.81 -16.31
N ASP A 151 28.68 -4.12 -15.60
CA ASP A 151 28.87 -4.24 -14.16
C ASP A 151 29.56 -3.00 -13.60
N ASP A 152 29.75 -2.95 -12.26
CA ASP A 152 30.30 -1.82 -11.54
C ASP A 152 31.80 -1.55 -11.80
N SER A 153 32.47 -2.36 -12.66
CA SER A 153 33.86 -2.09 -12.98
C SER A 153 33.97 -1.03 -14.09
N LEU A 154 32.85 -0.75 -14.80
CA LEU A 154 32.86 0.26 -15.88
C LEU A 154 32.65 1.62 -15.25
N GLU A 155 33.73 2.34 -15.01
CA GLU A 155 33.71 3.61 -14.33
C GLU A 155 32.78 4.62 -15.02
N PRO A 156 31.77 5.18 -14.29
CA PRO A 156 30.91 6.20 -14.92
C PRO A 156 31.68 7.50 -15.22
N PHE A 157 31.14 8.28 -16.18
CA PHE A 157 31.76 9.54 -16.59
C PHE A 157 32.13 10.47 -15.42
N PHE A 158 31.18 10.70 -14.51
CA PHE A 158 31.45 11.68 -13.46
C PHE A 158 32.57 11.24 -12.52
N ASP A 159 32.67 9.89 -12.29
CA ASP A 159 33.74 9.34 -11.46
C ASP A 159 35.09 9.61 -12.17
N SER A 160 35.14 9.44 -13.49
CA SER A 160 36.38 9.71 -14.25
C SER A 160 36.71 11.19 -14.19
N LEU A 161 35.70 12.07 -14.36
CA LEU A 161 35.92 13.49 -14.33
C LEU A 161 36.56 13.92 -13.00
N VAL A 162 36.01 13.43 -11.88
CA VAL A 162 36.54 13.81 -10.55
C VAL A 162 37.94 13.25 -10.33
N LYS A 163 38.17 12.00 -10.74
CA LYS A 163 39.47 11.34 -10.53
C LYS A 163 40.58 12.02 -11.32
N GLN A 164 40.29 12.45 -12.54
CA GLN A 164 41.31 13.00 -13.43
C GLN A 164 41.56 14.51 -13.33
N THR A 165 40.66 15.26 -12.69
CA THR A 165 40.75 16.72 -12.63
C THR A 165 40.58 17.23 -11.20
N HIS A 166 40.55 18.56 -11.00
CA HIS A 166 40.28 19.08 -9.66
C HIS A 166 38.81 19.51 -9.55
N VAL A 167 37.95 18.97 -10.43
CA VAL A 167 36.53 19.35 -10.37
C VAL A 167 35.93 18.79 -9.06
N PRO A 168 35.26 19.64 -8.22
CA PRO A 168 34.64 19.11 -7.00
C PRO A 168 33.57 18.04 -7.30
N ASN A 169 33.43 17.07 -6.36
CA ASN A 169 32.54 15.93 -6.52
C ASN A 169 31.06 16.31 -6.25
N LEU A 170 30.52 17.15 -7.12
CA LEU A 170 29.17 17.67 -6.97
C LEU A 170 28.71 18.22 -8.31
N PHE A 171 27.38 18.10 -8.60
CA PHE A 171 26.86 18.80 -9.75
C PHE A 171 25.47 19.23 -9.36
N SER A 172 24.92 20.20 -10.07
CA SER A 172 23.60 20.69 -9.73
C SER A 172 22.80 20.93 -11.00
N LEU A 173 21.47 20.66 -10.92
CA LEU A 173 20.63 20.79 -12.12
C LEU A 173 19.45 21.72 -11.90
N GLN A 174 19.28 22.63 -12.84
CA GLN A 174 18.12 23.52 -12.87
C GLN A 174 17.42 23.18 -14.20
N LEU A 175 16.33 22.40 -14.15
CA LEU A 175 15.59 22.04 -15.36
C LEU A 175 14.44 23.04 -15.48
N CYS A 176 14.33 23.71 -16.62
CA CYS A 176 13.34 24.78 -16.78
C CYS A 176 12.22 24.41 -17.73
N GLY A 177 11.06 24.12 -17.17
CA GLY A 177 9.86 23.88 -17.98
C GLY A 177 9.37 25.23 -18.47
N ALA A 178 8.92 25.31 -19.73
CA ALA A 178 8.48 26.60 -20.27
C ALA A 178 7.10 27.01 -19.73
N GLY A 179 6.27 26.03 -19.33
CA GLY A 179 4.91 26.33 -18.88
C GLY A 179 3.91 26.36 -20.03
N PHE A 180 4.40 26.12 -21.25
CA PHE A 180 3.58 26.08 -22.46
C PHE A 180 4.33 25.21 -23.48
N PRO A 181 3.65 24.73 -24.55
CA PRO A 181 4.35 23.90 -25.53
C PRO A 181 5.36 24.72 -26.34
N LEU A 182 6.47 24.09 -26.65
CA LEU A 182 7.49 24.70 -27.50
C LEU A 182 7.46 23.91 -28.79
N ASN A 183 7.34 24.60 -29.94
CA ASN A 183 7.33 23.89 -31.22
C ASN A 183 8.76 23.43 -31.57
N GLN A 184 8.94 22.73 -32.72
CA GLN A 184 10.25 22.24 -33.19
C GLN A 184 11.32 23.33 -33.18
N SER A 185 11.02 24.52 -33.72
CA SER A 185 12.02 25.60 -33.76
C SER A 185 12.26 26.24 -32.40
N GLU A 186 11.19 26.50 -31.63
CA GLU A 186 11.29 27.14 -30.33
C GLU A 186 12.11 26.31 -29.35
N VAL A 187 11.93 24.97 -29.34
CA VAL A 187 12.64 24.10 -28.41
C VAL A 187 14.15 24.09 -28.74
N LEU A 188 14.52 24.31 -30.01
CA LEU A 188 15.93 24.38 -30.38
C LEU A 188 16.55 25.72 -30.02
N ALA A 189 15.73 26.79 -29.99
CA ALA A 189 16.20 28.15 -29.71
C ALA A 189 16.10 28.54 -28.24
N SER A 190 15.35 27.77 -27.46
CA SER A 190 15.06 28.05 -26.06
C SER A 190 16.08 27.49 -25.08
N VAL A 191 16.31 28.22 -23.99
CA VAL A 191 17.16 27.75 -22.90
C VAL A 191 16.32 26.83 -22.01
N GLY A 192 16.78 25.59 -21.84
CA GLY A 192 16.07 24.61 -21.03
C GLY A 192 16.57 24.50 -19.60
N GLY A 193 17.63 25.22 -19.26
CA GLY A 193 18.12 25.12 -17.88
C GLY A 193 19.62 25.08 -17.79
N SER A 194 20.13 24.63 -16.63
CA SER A 194 21.57 24.62 -16.38
C SER A 194 22.02 23.38 -15.70
N MET A 195 23.18 22.88 -16.10
CA MET A 195 23.87 21.84 -15.39
C MET A 195 25.18 22.45 -14.95
N ILE A 196 25.34 22.67 -13.64
CA ILE A 196 26.55 23.25 -13.06
C ILE A 196 27.42 22.11 -12.58
N ILE A 197 28.55 21.89 -13.27
CA ILE A 197 29.43 20.80 -12.91
C ILE A 197 30.49 21.32 -11.94
N GLY A 198 30.53 20.76 -10.74
CA GLY A 198 31.48 21.11 -9.70
C GLY A 198 31.08 22.23 -8.78
N GLY A 199 29.83 22.65 -8.81
CA GLY A 199 29.42 23.74 -7.95
C GLY A 199 27.93 24.03 -7.94
N ILE A 200 27.60 25.08 -7.18
CA ILE A 200 26.24 25.61 -6.94
C ILE A 200 26.25 27.04 -7.41
N ASP A 201 25.32 27.38 -8.28
CA ASP A 201 25.22 28.75 -8.76
C ASP A 201 24.03 29.40 -8.07
N HIS A 202 24.30 30.40 -7.24
CA HIS A 202 23.28 31.05 -6.43
C HIS A 202 22.23 31.84 -7.25
N SER A 203 22.47 32.16 -8.52
CA SER A 203 21.47 32.87 -9.33
C SER A 203 20.29 31.96 -9.75
N LEU A 204 20.45 30.63 -9.61
CA LEU A 204 19.46 29.66 -10.10
C LEU A 204 18.36 29.33 -9.15
N TYR A 205 18.42 29.85 -7.93
CA TYR A 205 17.41 29.55 -6.93
C TYR A 205 17.11 30.75 -6.05
N THR A 206 16.00 30.66 -5.33
CA THR A 206 15.62 31.66 -4.32
C THR A 206 15.48 30.95 -2.99
N GLY A 207 15.60 31.70 -1.91
CA GLY A 207 15.48 31.10 -0.58
C GLY A 207 16.62 30.18 -0.23
N SER A 208 16.39 29.27 0.70
CA SER A 208 17.42 28.37 1.22
C SER A 208 17.46 27.02 0.55
N LEU A 209 18.64 26.39 0.57
CA LEU A 209 18.81 25.01 0.13
C LEU A 209 18.60 24.13 1.36
N TRP A 210 17.80 23.06 1.20
CA TRP A 210 17.57 22.07 2.25
C TRP A 210 18.08 20.73 1.72
N TYR A 211 18.78 19.98 2.55
CA TYR A 211 19.38 18.73 2.11
C TYR A 211 18.78 17.49 2.72
N THR A 212 18.65 16.47 1.88
CA THR A 212 18.19 15.15 2.29
C THR A 212 19.36 14.17 2.10
N PRO A 213 19.58 13.19 2.98
CA PRO A 213 20.68 12.25 2.74
C PRO A 213 20.48 11.41 1.49
N ILE A 214 21.59 11.04 0.82
CA ILE A 214 21.53 10.03 -0.23
C ILE A 214 21.57 8.71 0.59
N ARG A 215 20.47 7.95 0.58
CA ARG A 215 20.36 6.74 1.42
C ARG A 215 21.45 5.71 1.12
N ARG A 216 21.68 5.49 -0.18
CA ARG A 216 22.65 4.55 -0.69
C ARG A 216 23.07 5.03 -2.07
N GLU A 217 24.35 4.82 -2.39
CA GLU A 217 24.93 5.28 -3.65
C GLU A 217 24.81 4.27 -4.76
N TRP A 218 23.68 4.29 -5.47
CA TRP A 218 23.44 3.41 -6.62
C TRP A 218 22.64 4.30 -7.59
N TYR A 219 21.31 4.36 -7.43
CA TYR A 219 20.52 5.45 -7.96
C TYR A 219 20.76 6.57 -6.93
N TYR A 220 20.20 7.79 -7.18
CA TYR A 220 20.21 8.84 -6.18
C TYR A 220 18.97 8.59 -5.31
N GLU A 221 19.12 7.66 -4.34
CA GLU A 221 18.02 7.20 -3.48
C GLU A 221 17.82 8.13 -2.28
N VAL A 222 16.54 8.47 -2.01
CA VAL A 222 16.16 9.35 -0.90
C VAL A 222 15.03 8.68 -0.13
N ILE A 223 14.67 9.28 1.03
CA ILE A 223 13.56 8.80 1.83
C ILE A 223 12.51 9.91 2.01
N ILE A 224 11.27 9.60 1.55
CA ILE A 224 10.07 10.46 1.73
C ILE A 224 9.42 10.04 3.03
N VAL A 225 9.11 10.99 3.91
CA VAL A 225 8.58 10.66 5.24
C VAL A 225 7.13 11.07 5.46
N ARG A 226 6.56 11.89 4.56
CA ARG A 226 5.17 12.37 4.67
C ARG A 226 4.77 12.91 3.32
N VAL A 227 3.49 12.77 2.98
CA VAL A 227 2.96 13.31 1.73
C VAL A 227 1.68 14.07 2.07
N GLU A 228 1.52 15.29 1.52
CA GLU A 228 0.30 16.08 1.67
C GLU A 228 -0.23 16.49 0.33
N ILE A 229 -1.56 16.59 0.23
CA ILE A 229 -2.25 17.12 -0.93
C ILE A 229 -3.03 18.33 -0.40
N ASN A 230 -2.63 19.55 -0.76
CA ASN A 230 -3.27 20.75 -0.22
C ASN A 230 -3.28 20.75 1.33
N GLY A 231 -2.15 20.33 1.90
CA GLY A 231 -2.01 20.30 3.36
C GLY A 231 -2.65 19.11 4.04
N GLN A 232 -3.43 18.30 3.29
CA GLN A 232 -4.07 17.13 3.89
C GLN A 232 -3.13 15.96 3.80
N ASP A 233 -2.84 15.36 4.96
CA ASP A 233 -1.91 14.23 5.05
C ASP A 233 -2.49 13.01 4.32
N LEU A 234 -1.71 12.41 3.41
CA LEU A 234 -2.18 11.18 2.73
C LEU A 234 -2.33 10.03 3.75
N LYS A 235 -1.65 10.17 4.90
CA LYS A 235 -1.73 9.33 6.11
C LYS A 235 -1.42 7.86 5.86
N MET A 236 -0.51 7.57 4.93
CA MET A 236 -0.09 6.18 4.71
C MET A 236 1.13 5.89 5.56
N ASP A 237 1.40 4.59 5.86
CA ASP A 237 2.62 4.17 6.52
C ASP A 237 3.71 4.69 5.57
N CYS A 238 4.68 5.46 6.09
CA CYS A 238 5.67 6.10 5.22
C CYS A 238 6.53 5.11 4.45
N LYS A 239 6.58 3.84 4.89
CA LYS A 239 7.31 2.83 4.12
C LYS A 239 6.66 2.67 2.72
N GLU A 240 5.34 2.88 2.61
CA GLU A 240 4.66 2.79 1.33
C GLU A 240 5.21 3.82 0.31
N TYR A 241 5.63 4.98 0.82
CA TYR A 241 6.13 6.03 -0.09
C TYR A 241 7.45 5.68 -0.72
N ASN A 242 8.20 4.76 -0.09
CA ASN A 242 9.53 4.38 -0.57
C ASN A 242 9.59 2.92 -0.91
N TYR A 243 8.45 2.33 -1.34
CA TYR A 243 8.40 0.92 -1.68
C TYR A 243 8.54 0.76 -3.21
N ASP A 244 9.64 0.17 -3.74
CA ASP A 244 10.78 -0.39 -3.02
C ASP A 244 11.96 0.55 -2.86
N LYS A 245 11.86 1.76 -3.45
CA LYS A 245 12.87 2.80 -3.32
C LYS A 245 12.25 4.10 -3.74
N SER A 246 12.89 5.22 -3.43
CA SER A 246 12.49 6.52 -3.98
C SER A 246 13.76 7.09 -4.60
N ILE A 247 13.69 7.57 -5.84
CA ILE A 247 14.90 8.11 -6.48
C ILE A 247 14.62 9.43 -7.16
N VAL A 248 15.71 10.19 -7.45
CA VAL A 248 15.62 11.47 -8.19
C VAL A 248 16.16 11.17 -9.60
N ASP A 249 15.31 11.29 -10.63
CA ASP A 249 15.67 10.85 -11.96
C ASP A 249 15.28 11.85 -13.04
N SER A 250 16.29 12.63 -13.51
CA SER A 250 16.05 13.61 -14.58
C SER A 250 15.64 12.95 -15.89
N GLY A 251 15.92 11.63 -16.03
CA GLY A 251 15.59 10.88 -17.24
C GLY A 251 14.15 10.36 -17.32
N THR A 252 13.39 10.51 -16.20
CA THR A 252 11.95 10.16 -16.20
C THR A 252 11.18 11.47 -16.33
N THR A 253 10.09 11.48 -17.08
CA THR A 253 9.30 12.70 -17.22
C THR A 253 8.45 12.94 -15.98
N ASN A 254 7.65 11.93 -15.57
CA ASN A 254 6.67 12.14 -14.52
C ASN A 254 7.15 12.04 -13.10
N LEU A 255 6.25 12.43 -12.15
CA LEU A 255 6.36 12.04 -10.78
C LEU A 255 5.68 10.64 -10.79
N ARG A 256 6.47 9.58 -10.51
CA ARG A 256 5.90 8.23 -10.53
C ARG A 256 5.78 7.78 -9.08
N LEU A 257 4.64 7.19 -8.72
CA LEU A 257 4.40 6.77 -7.35
C LEU A 257 4.09 5.30 -7.29
N PRO A 258 4.49 4.61 -6.20
CA PRO A 258 4.10 3.19 -6.03
C PRO A 258 2.60 3.04 -6.15
N LYS A 259 2.15 1.94 -6.78
CA LYS A 259 0.72 1.66 -7.01
C LYS A 259 -0.25 2.15 -5.90
N LYS A 260 -0.03 1.72 -4.65
CA LYS A 260 -0.98 2.06 -3.59
C LYS A 260 -0.98 3.57 -3.29
N VAL A 261 0.21 4.17 -3.37
CA VAL A 261 0.40 5.61 -3.12
C VAL A 261 -0.24 6.38 -4.26
N PHE A 262 -0.06 5.93 -5.50
CA PHE A 262 -0.67 6.55 -6.65
C PHE A 262 -2.21 6.53 -6.50
N GLU A 263 -2.77 5.37 -6.13
CA GLU A 263 -4.22 5.26 -5.97
C GLU A 263 -4.73 6.24 -4.91
N ALA A 264 -4.03 6.35 -3.77
CA ALA A 264 -4.45 7.27 -2.70
C ALA A 264 -4.29 8.75 -3.11
N ALA A 265 -3.15 9.06 -3.76
CA ALA A 265 -2.89 10.44 -4.21
C ALA A 265 -3.91 10.87 -5.27
N VAL A 266 -4.19 10.00 -6.28
CA VAL A 266 -5.13 10.41 -7.33
C VAL A 266 -6.54 10.61 -6.74
N LYS A 267 -6.94 9.77 -5.77
CA LYS A 267 -8.24 9.98 -5.12
C LYS A 267 -8.31 11.35 -4.45
N SER A 268 -7.22 11.74 -3.76
CA SER A 268 -7.14 13.03 -3.08
C SER A 268 -7.08 14.20 -4.06
N ILE A 269 -6.32 14.05 -5.17
CA ILE A 269 -6.23 15.13 -6.16
C ILE A 269 -7.59 15.29 -6.86
N LYS A 270 -8.26 14.17 -7.17
CA LYS A 270 -9.62 14.23 -7.73
C LYS A 270 -10.58 14.95 -6.77
N ALA A 271 -10.51 14.62 -5.47
CA ALA A 271 -11.40 15.24 -4.49
C ALA A 271 -11.15 16.75 -4.39
N ALA A 272 -9.87 17.16 -4.42
CA ALA A 272 -9.55 18.58 -4.30
C ALA A 272 -10.00 19.37 -5.53
N SER A 273 -9.96 18.73 -6.71
CA SER A 273 -10.29 19.36 -8.00
C SER A 273 -11.73 19.02 -8.46
N SER A 274 -12.57 18.54 -7.53
CA SER A 274 -13.88 17.97 -7.87
C SER A 274 -14.87 18.96 -8.48
N THR A 275 -14.58 20.28 -8.47
CA THR A 275 -15.49 21.21 -9.15
C THR A 275 -15.46 21.04 -10.69
N GLU A 276 -14.47 20.30 -11.24
CA GLU A 276 -14.43 19.96 -12.66
C GLU A 276 -14.17 18.46 -12.74
N LYS A 277 -14.92 17.75 -13.61
CA LYS A 277 -14.77 16.32 -13.79
C LYS A 277 -13.89 16.08 -15.03
N PHE A 278 -12.89 15.21 -14.88
CA PHE A 278 -11.96 14.86 -15.94
C PHE A 278 -12.15 13.40 -16.27
N PRO A 279 -11.99 13.06 -17.55
CA PRO A 279 -12.17 11.65 -17.95
C PRO A 279 -11.11 10.73 -17.37
N ASP A 280 -11.43 9.44 -17.30
CA ASP A 280 -10.50 8.45 -16.75
C ASP A 280 -9.15 8.47 -17.48
N GLY A 281 -9.16 8.68 -18.81
CA GLY A 281 -7.93 8.73 -19.60
C GLY A 281 -7.01 9.86 -19.18
N PHE A 282 -7.57 10.97 -18.64
CA PHE A 282 -6.70 12.07 -18.17
C PHE A 282 -5.92 11.59 -16.94
N TRP A 283 -6.61 11.02 -15.96
CA TRP A 283 -5.95 10.57 -14.73
C TRP A 283 -4.97 9.43 -14.96
N LEU A 284 -5.14 8.69 -16.08
CA LEU A 284 -4.21 7.61 -16.46
C LEU A 284 -2.97 8.18 -17.18
N GLY A 285 -2.92 9.51 -17.34
CA GLY A 285 -1.81 10.20 -17.97
C GLY A 285 -1.70 10.00 -19.47
N GLU A 286 -2.79 9.50 -20.10
CA GLU A 286 -2.86 9.18 -21.52
C GLU A 286 -3.45 10.29 -22.36
N GLN A 287 -4.54 10.91 -21.86
CA GLN A 287 -5.36 11.85 -22.59
C GLN A 287 -5.08 13.27 -22.17
N LEU A 288 -5.04 14.17 -23.14
CA LEU A 288 -4.86 15.57 -22.80
C LEU A 288 -6.19 16.19 -22.40
N VAL A 289 -6.12 17.28 -21.61
CA VAL A 289 -7.27 18.12 -21.23
C VAL A 289 -6.92 19.53 -21.72
N CYS A 290 -7.90 20.24 -22.28
CA CYS A 290 -7.70 21.57 -22.84
C CYS A 290 -8.65 22.56 -22.25
N TRP A 291 -8.18 23.82 -22.15
CA TRP A 291 -9.00 24.94 -21.77
C TRP A 291 -8.81 26.08 -22.77
N GLN A 292 -9.80 26.95 -22.86
CA GLN A 292 -9.67 28.14 -23.71
C GLN A 292 -8.40 28.91 -23.27
N ALA A 293 -7.68 29.49 -24.25
CA ALA A 293 -6.43 30.22 -24.01
C ALA A 293 -6.48 31.07 -22.77
N GLY A 294 -5.53 30.83 -21.85
CA GLY A 294 -5.38 31.62 -20.63
C GLY A 294 -6.31 31.29 -19.47
N THR A 295 -7.24 30.36 -19.66
CA THR A 295 -8.26 30.03 -18.64
C THR A 295 -7.99 28.78 -17.81
N THR A 296 -6.79 28.16 -17.94
CA THR A 296 -6.46 26.98 -17.13
C THR A 296 -6.79 27.28 -15.66
N PRO A 297 -7.65 26.45 -15.03
CA PRO A 297 -8.10 26.73 -13.67
C PRO A 297 -7.11 26.18 -12.64
N TRP A 298 -5.90 26.76 -12.64
CA TRP A 298 -4.87 26.27 -11.72
C TRP A 298 -5.37 26.16 -10.28
N ASN A 299 -6.16 27.15 -9.86
CA ASN A 299 -6.60 27.23 -8.46
C ASN A 299 -7.44 26.04 -7.99
N ILE A 300 -8.08 25.32 -8.92
CA ILE A 300 -8.91 24.16 -8.50
C ILE A 300 -8.03 22.94 -8.19
N PHE A 301 -6.80 22.93 -8.71
CA PHE A 301 -5.87 21.84 -8.49
C PHE A 301 -5.04 22.07 -7.23
N PRO A 302 -4.76 21.00 -6.48
CA PRO A 302 -4.05 21.18 -5.22
C PRO A 302 -2.55 21.25 -5.39
N VAL A 303 -1.87 21.78 -4.36
CA VAL A 303 -0.42 21.70 -4.31
C VAL A 303 -0.10 20.31 -3.70
N ILE A 304 1.12 19.81 -3.96
CA ILE A 304 1.54 18.51 -3.43
C ILE A 304 2.83 18.75 -2.69
N SER A 305 2.91 18.28 -1.44
CA SER A 305 4.12 18.43 -0.65
C SER A 305 4.70 17.06 -0.36
N LEU A 306 5.99 16.90 -0.61
CA LEU A 306 6.72 15.70 -0.25
C LEU A 306 7.70 16.11 0.85
N TYR A 307 7.61 15.46 2.01
CA TYR A 307 8.53 15.71 3.11
C TYR A 307 9.66 14.71 2.98
N LEU A 308 10.88 15.22 3.06
CA LEU A 308 12.07 14.39 2.93
C LEU A 308 12.85 14.38 4.23
N MET A 309 13.54 13.25 4.52
CA MET A 309 14.39 13.16 5.71
C MET A 309 15.45 14.27 5.69
N GLY A 310 15.66 14.92 6.81
CA GLY A 310 16.65 15.98 6.90
C GLY A 310 18.01 15.44 7.30
N GLU A 311 18.99 16.34 7.40
CA GLU A 311 20.33 15.91 7.78
C GLU A 311 20.47 15.79 9.29
N VAL A 312 19.62 16.51 10.05
CA VAL A 312 19.62 16.53 11.52
C VAL A 312 18.67 15.43 12.02
N THR A 313 19.04 14.74 13.12
CA THR A 313 18.21 13.70 13.70
C THR A 313 16.82 14.28 14.00
N ASN A 314 15.79 13.51 13.66
CA ASN A 314 14.36 13.80 13.88
C ASN A 314 13.86 15.07 13.20
N GLN A 315 14.55 15.50 12.14
CA GLN A 315 14.18 16.68 11.40
C GLN A 315 13.87 16.32 9.95
N SER A 316 12.80 16.90 9.39
CA SER A 316 12.50 16.76 7.96
C SER A 316 12.27 18.16 7.38
N PHE A 317 12.11 18.22 6.06
CA PHE A 317 11.74 19.46 5.39
C PHE A 317 10.78 19.06 4.30
N ARG A 318 10.08 20.03 3.69
CA ARG A 318 9.16 19.67 2.60
C ARG A 318 9.45 20.46 1.34
N ILE A 319 9.18 19.84 0.21
CA ILE A 319 9.19 20.48 -1.10
C ILE A 319 7.75 20.49 -1.57
N THR A 320 7.26 21.65 -2.07
CA THR A 320 5.88 21.77 -2.52
C THR A 320 5.83 22.15 -3.97
N ILE A 321 5.07 21.36 -4.76
CA ILE A 321 4.90 21.63 -6.18
C ILE A 321 3.48 22.03 -6.47
N LEU A 322 3.34 22.74 -7.58
CA LEU A 322 2.05 23.23 -8.02
C LEU A 322 1.54 22.41 -9.19
N PRO A 323 0.25 22.57 -9.55
CA PRO A 323 -0.23 21.96 -10.79
C PRO A 323 0.55 22.46 -12.04
N GLN A 324 1.20 23.67 -11.96
CA GLN A 324 2.04 24.11 -13.09
C GLN A 324 3.25 23.19 -13.28
N GLN A 325 3.62 22.37 -12.26
CA GLN A 325 4.63 21.35 -12.43
C GLN A 325 4.03 20.01 -12.87
N TYR A 326 2.94 19.55 -12.19
CA TYR A 326 2.46 18.19 -12.48
C TYR A 326 1.46 18.11 -13.61
N LEU A 327 1.08 19.25 -14.24
CA LEU A 327 0.28 19.25 -15.48
C LEU A 327 1.30 19.65 -16.57
N ARG A 328 1.61 18.70 -17.48
CA ARG A 328 2.65 18.92 -18.49
C ARG A 328 2.06 19.53 -19.75
N PRO A 329 2.52 20.72 -20.16
CA PRO A 329 1.95 21.33 -21.38
C PRO A 329 2.21 20.50 -22.62
N VAL A 330 1.16 20.33 -23.44
CA VAL A 330 1.22 19.58 -24.70
C VAL A 330 0.42 20.34 -25.74
N GLU A 331 0.80 20.21 -27.00
CA GLU A 331 0.03 20.84 -28.06
C GLU A 331 -1.23 19.98 -28.32
N ASP A 332 -2.31 20.64 -28.70
CA ASP A 332 -3.61 20.02 -29.00
C ASP A 332 -3.53 19.06 -30.20
N SER A 336 -5.14 24.35 -32.43
CA SER A 336 -6.03 25.29 -31.75
C SER A 336 -5.22 26.30 -30.94
N GLN A 337 -5.91 27.27 -30.31
CA GLN A 337 -5.31 28.25 -29.43
C GLN A 337 -5.54 27.85 -27.96
N ASP A 338 -6.07 26.65 -27.73
CA ASP A 338 -6.32 26.22 -26.36
C ASP A 338 -5.00 25.91 -25.65
N ASP A 339 -5.06 25.95 -24.31
CA ASP A 339 -3.95 25.55 -23.46
C ASP A 339 -4.28 24.14 -22.98
N CYS A 340 -3.44 23.18 -23.36
CA CYS A 340 -3.61 21.76 -23.09
C CYS A 340 -2.50 21.16 -22.29
N TYR A 341 -2.85 20.10 -21.53
CA TYR A 341 -1.90 19.42 -20.66
C TYR A 341 -2.19 17.96 -20.51
N LYS A 342 -1.16 17.20 -20.12
CA LYS A 342 -1.32 15.84 -19.68
C LYS A 342 -1.03 15.78 -18.18
N PHE A 343 -1.71 14.89 -17.45
CA PHE A 343 -1.45 14.67 -16.02
C PHE A 343 -0.12 13.89 -15.92
N ALA A 344 0.90 14.51 -15.32
CA ALA A 344 2.26 13.95 -15.25
C ALA A 344 2.58 13.30 -13.94
N ILE A 345 1.59 12.60 -13.37
CA ILE A 345 1.75 11.76 -12.19
C ILE A 345 1.25 10.41 -12.62
N SER A 346 2.08 9.37 -12.40
CA SER A 346 1.66 8.04 -12.87
C SER A 346 2.16 6.96 -11.95
N GLN A 347 1.62 5.76 -12.13
CA GLN A 347 1.89 4.64 -11.26
C GLN A 347 3.24 4.00 -11.56
N SER A 348 3.85 3.41 -10.53
CA SER A 348 5.12 2.70 -10.64
C SER A 348 5.04 1.36 -9.87
N SER A 349 5.78 0.34 -10.34
CA SER A 349 5.93 -0.94 -9.63
C SER A 349 7.39 -1.04 -9.13
N THR A 350 8.22 0.02 -9.37
CA THR A 350 9.62 0.06 -9.00
C THR A 350 9.95 1.24 -8.06
N GLY A 351 8.96 1.70 -7.29
CA GLY A 351 9.19 2.77 -6.32
C GLY A 351 8.86 4.18 -6.82
N THR A 352 9.06 5.16 -5.95
CA THR A 352 8.81 6.55 -6.32
C THR A 352 9.93 7.02 -7.26
N VAL A 353 9.55 7.80 -8.29
CA VAL A 353 10.51 8.43 -9.18
C VAL A 353 10.20 9.91 -9.23
N MET A 354 11.14 10.72 -8.73
CA MET A 354 10.96 12.17 -8.80
C MET A 354 11.58 12.57 -10.13
N GLY A 355 10.74 12.63 -11.17
CA GLY A 355 11.15 12.90 -12.53
C GLY A 355 11.27 14.37 -12.82
N ALA A 356 11.40 14.66 -14.10
CA ALA A 356 11.64 16.01 -14.57
C ALA A 356 10.55 16.97 -14.19
N VAL A 357 9.25 16.56 -14.22
CA VAL A 357 8.20 17.54 -13.88
C VAL A 357 8.33 18.02 -12.43
N ILE A 358 8.84 17.19 -11.48
CA ILE A 358 9.12 17.60 -10.11
C ILE A 358 10.41 18.44 -10.05
N MET A 359 11.48 17.97 -10.75
CA MET A 359 12.73 18.72 -10.78
C MET A 359 12.57 20.12 -11.35
N GLU A 360 11.59 20.33 -12.25
CA GLU A 360 11.35 21.65 -12.82
C GLU A 360 10.94 22.70 -11.77
N GLY A 361 10.47 22.26 -10.61
CA GLY A 361 10.12 23.23 -9.58
C GLY A 361 11.32 23.69 -8.77
N PHE A 362 12.46 22.95 -8.86
CA PHE A 362 13.57 23.17 -7.95
C PHE A 362 14.92 23.20 -8.59
N TYR A 363 15.84 23.84 -7.88
CA TYR A 363 17.26 23.73 -8.20
C TYR A 363 17.69 22.53 -7.32
N VAL A 364 18.27 21.50 -7.97
CA VAL A 364 18.61 20.27 -7.28
C VAL A 364 20.13 20.07 -7.26
N VAL A 365 20.69 19.95 -6.06
CA VAL A 365 22.15 19.83 -5.87
C VAL A 365 22.49 18.40 -5.53
N PHE A 366 23.24 17.73 -6.42
CA PHE A 366 23.66 16.35 -6.23
C PHE A 366 25.04 16.40 -5.57
N ASP A 367 25.03 16.54 -4.24
CA ASP A 367 26.27 16.71 -3.48
C ASP A 367 26.83 15.33 -3.16
N ARG A 368 27.53 14.76 -4.13
CA ARG A 368 28.09 13.42 -3.97
C ARG A 368 29.16 13.39 -2.87
N ALA A 369 29.94 14.47 -2.76
CA ALA A 369 31.00 14.56 -1.75
C ALA A 369 30.47 14.39 -0.33
N ARG A 370 29.28 14.95 -0.06
CA ARG A 370 28.68 14.94 1.28
C ARG A 370 27.46 14.00 1.33
N LYS A 371 27.30 13.12 0.34
CA LYS A 371 26.26 12.09 0.27
C LYS A 371 24.86 12.71 0.59
N ARG A 372 24.51 13.77 -0.13
CA ARG A 372 23.24 14.45 0.14
C ARG A 372 22.71 15.12 -1.12
N ILE A 373 21.40 15.36 -1.16
CA ILE A 373 20.79 16.05 -2.29
C ILE A 373 20.12 17.28 -1.72
N GLY A 374 20.39 18.44 -2.32
CA GLY A 374 19.80 19.69 -1.90
C GLY A 374 18.69 20.14 -2.82
N PHE A 375 17.68 20.79 -2.23
CA PHE A 375 16.56 21.35 -2.99
C PHE A 375 16.36 22.78 -2.57
N ALA A 376 16.14 23.63 -3.57
CA ALA A 376 15.73 25.02 -3.35
C ALA A 376 14.72 25.39 -4.41
N VAL A 377 13.87 26.38 -4.14
CA VAL A 377 12.91 26.84 -5.15
C VAL A 377 13.67 27.31 -6.39
N SER A 378 13.29 26.84 -7.56
CA SER A 378 13.98 27.25 -8.78
C SER A 378 13.60 28.65 -9.22
N ALA A 379 14.60 29.41 -9.68
CA ALA A 379 14.37 30.72 -10.25
C ALA A 379 13.56 30.63 -11.59
N CYS A 380 13.46 29.43 -12.19
CA CYS A 380 12.69 29.29 -13.42
C CYS A 380 11.43 28.42 -13.26
N HIS A 381 10.96 28.19 -12.01
CA HIS A 381 9.74 27.38 -11.92
C HIS A 381 8.53 28.19 -12.38
N VAL A 382 7.56 27.48 -12.97
CA VAL A 382 6.33 28.11 -13.47
C VAL A 382 5.35 28.22 -12.29
N HIS A 383 4.71 29.39 -12.17
CA HIS A 383 3.74 29.58 -11.08
C HIS A 383 2.72 30.60 -11.53
N ASP A 384 1.86 31.04 -10.60
CA ASP A 384 0.89 32.07 -10.89
C ASP A 384 1.03 33.18 -9.85
N GLU A 385 0.12 34.17 -9.86
CA GLU A 385 0.27 35.27 -8.90
C GLU A 385 -0.12 34.89 -7.48
N PHE A 386 -0.78 33.74 -7.31
CA PHE A 386 -1.29 33.38 -6.00
C PHE A 386 -0.50 32.33 -5.24
N ARG A 387 0.20 31.44 -5.96
CA ARG A 387 0.95 30.37 -5.31
C ARG A 387 2.32 30.22 -5.97
N THR A 388 3.27 29.72 -5.20
CA THR A 388 4.61 29.42 -5.70
C THR A 388 5.04 28.05 -5.18
N ALA A 389 6.02 27.46 -5.85
CA ALA A 389 6.63 26.25 -5.28
C ALA A 389 7.36 26.68 -3.99
N ALA A 390 7.69 25.72 -3.13
CA ALA A 390 8.34 26.03 -1.86
C ALA A 390 9.24 24.94 -1.40
N VAL A 391 10.24 25.30 -0.60
CA VAL A 391 11.13 24.37 0.11
C VAL A 391 11.20 24.95 1.50
N GLU A 392 10.68 24.22 2.49
CA GLU A 392 10.50 24.77 3.84
C GLU A 392 10.86 23.78 4.90
N GLY A 393 11.30 24.31 6.03
CA GLY A 393 11.62 23.44 7.15
C GLY A 393 12.09 24.29 8.32
N PRO A 394 12.47 23.63 9.43
CA PRO A 394 12.38 22.20 9.67
C PRO A 394 11.06 21.78 10.30
N PHE A 395 10.77 20.47 10.25
CA PHE A 395 9.63 19.84 10.91
C PHE A 395 10.16 18.74 11.79
N VAL A 396 9.53 18.56 12.97
CA VAL A 396 9.94 17.45 13.81
C VAL A 396 9.28 16.18 13.25
N THR A 397 10.08 15.17 12.89
CA THR A 397 9.56 13.91 12.35
C THR A 397 10.30 12.75 13.00
N LEU A 398 9.56 11.84 13.64
CA LEU A 398 10.18 10.71 14.34
C LEU A 398 10.26 9.46 13.52
N ASP A 399 11.20 8.55 13.89
CA ASP A 399 11.41 7.22 13.31
C ASP A 399 11.48 7.23 11.77
N MET A 400 12.19 8.20 11.22
CA MET A 400 12.29 8.34 9.74
C MET A 400 13.01 7.18 9.07
N GLU A 401 13.91 6.49 9.81
CA GLU A 401 14.62 5.32 9.27
C GLU A 401 13.62 4.21 8.92
N ASP A 402 12.48 4.15 9.65
CA ASP A 402 11.41 3.17 9.42
C ASP A 402 10.71 3.41 8.09
N CYS A 403 10.90 4.59 7.49
CA CYS A 403 10.28 4.88 6.20
C CYS A 403 11.01 4.22 5.05
N GLY A 404 12.28 3.86 5.27
CA GLY A 404 13.07 3.19 4.26
C GLY A 404 12.66 1.74 4.12
N TYR A 405 12.61 1.24 2.88
CA TYR A 405 12.24 -0.15 2.62
C TYR A 405 13.49 -1.02 2.54
N ASN A 406 13.40 -2.25 3.12
CA ASN A 406 14.48 -3.24 3.05
C ASN A 406 13.91 -4.54 2.46
N ILE A 407 14.71 -5.22 1.60
CA ILE A 407 14.43 -6.51 0.93
C ILE A 407 13.51 -6.30 -0.26
N ARG B 17 -35.77 -29.37 11.94
CA ARG B 17 -34.49 -29.97 11.56
C ARG B 17 -33.41 -29.62 12.59
N GLY B 18 -32.61 -30.63 12.95
CA GLY B 18 -31.50 -30.50 13.88
C GLY B 18 -30.23 -31.15 13.36
N SER B 19 -30.26 -31.51 12.07
CA SER B 19 -29.17 -32.15 11.33
C SER B 19 -29.15 -31.53 9.93
N PHE B 20 -27.99 -30.97 9.55
CA PHE B 20 -27.79 -30.28 8.30
C PHE B 20 -26.49 -30.78 7.68
N VAL B 21 -26.45 -32.08 7.37
CA VAL B 21 -25.27 -32.76 6.82
C VAL B 21 -24.67 -32.05 5.61
N GLU B 22 -25.51 -31.50 4.71
CA GLU B 22 -25.05 -30.79 3.51
C GLU B 22 -24.14 -29.58 3.86
N MET B 23 -24.33 -29.00 5.06
CA MET B 23 -23.59 -27.81 5.47
C MET B 23 -22.50 -28.09 6.50
N VAL B 24 -22.54 -29.25 7.15
CA VAL B 24 -21.48 -29.56 8.12
C VAL B 24 -20.14 -29.67 7.39
N ASP B 25 -19.08 -29.09 8.00
CA ASP B 25 -17.71 -29.13 7.53
C ASP B 25 -17.50 -28.35 6.22
N ASN B 26 -18.28 -27.25 6.05
CA ASN B 26 -18.19 -26.46 4.80
C ASN B 26 -17.22 -25.29 4.91
N LEU B 27 -16.56 -25.13 6.08
CA LEU B 27 -15.56 -24.06 6.22
C LEU B 27 -14.13 -24.57 6.22
N ARG B 28 -13.22 -23.68 5.84
CA ARG B 28 -11.78 -23.91 5.90
C ARG B 28 -11.14 -22.64 6.40
N GLY B 29 -9.90 -22.74 6.85
CA GLY B 29 -9.16 -21.58 7.32
C GLY B 29 -8.69 -21.69 8.75
N LYS B 30 -8.38 -20.53 9.33
CA LYS B 30 -7.84 -20.48 10.70
C LYS B 30 -8.06 -19.12 11.28
N SER B 31 -7.89 -18.95 12.59
CA SER B 31 -8.22 -17.67 13.22
C SER B 31 -7.45 -16.47 12.70
N GLY B 32 -6.19 -16.67 12.38
CA GLY B 32 -5.32 -15.59 11.91
C GLY B 32 -5.63 -15.07 10.52
N GLN B 33 -5.92 -15.98 9.59
CA GLN B 33 -6.17 -15.59 8.21
C GLN B 33 -7.65 -15.57 7.84
N GLY B 34 -8.50 -16.08 8.72
CA GLY B 34 -9.95 -16.12 8.59
C GLY B 34 -10.49 -17.46 8.13
N TYR B 35 -11.79 -17.65 8.34
CA TYR B 35 -12.52 -18.85 7.92
C TYR B 35 -13.36 -18.50 6.72
N TYR B 36 -13.36 -19.38 5.72
CA TYR B 36 -14.07 -19.06 4.48
C TYR B 36 -14.94 -20.22 4.02
N VAL B 37 -15.92 -19.88 3.16
CA VAL B 37 -16.89 -20.82 2.60
C VAL B 37 -16.84 -20.66 1.08
N GLU B 38 -17.12 -21.76 0.36
CA GLU B 38 -17.13 -21.66 -1.09
C GLU B 38 -18.44 -21.01 -1.54
N MET B 39 -18.36 -20.11 -2.54
CA MET B 39 -19.59 -19.55 -3.09
C MET B 39 -19.44 -19.51 -4.60
N THR B 40 -20.55 -19.32 -5.31
CA THR B 40 -20.42 -19.08 -6.76
C THR B 40 -21.12 -17.78 -7.08
N VAL B 41 -20.57 -17.05 -8.06
CA VAL B 41 -21.15 -15.79 -8.53
C VAL B 41 -21.25 -15.84 -10.05
N GLY B 42 -22.34 -15.29 -10.59
CA GLY B 42 -22.47 -15.17 -12.03
C GLY B 42 -23.01 -16.38 -12.77
N SER B 43 -23.17 -16.18 -14.12
CA SER B 43 -23.68 -17.21 -15.02
C SER B 43 -22.78 -17.23 -16.26
N PRO B 44 -22.04 -18.33 -16.52
CA PRO B 44 -21.96 -19.57 -15.73
C PRO B 44 -21.32 -19.28 -14.37
N PRO B 45 -21.51 -20.17 -13.39
CA PRO B 45 -20.99 -19.87 -12.05
C PRO B 45 -19.49 -19.77 -11.97
N GLN B 46 -19.00 -18.73 -11.26
CA GLN B 46 -17.58 -18.52 -11.01
C GLN B 46 -17.39 -18.85 -9.54
N THR B 47 -16.60 -19.90 -9.26
CA THR B 47 -16.34 -20.32 -7.88
C THR B 47 -15.31 -19.39 -7.24
N LEU B 48 -15.61 -18.97 -5.99
CA LEU B 48 -14.69 -18.15 -5.18
C LEU B 48 -14.78 -18.63 -3.74
N ASN B 49 -13.69 -18.48 -3.01
CA ASN B 49 -13.66 -18.75 -1.56
C ASN B 49 -13.91 -17.41 -0.87
N ILE B 50 -14.84 -17.38 0.09
CA ILE B 50 -15.27 -16.12 0.67
C ILE B 50 -15.19 -16.15 2.19
N LEU B 51 -14.45 -15.18 2.77
CA LEU B 51 -14.33 -15.07 4.23
C LEU B 51 -15.71 -14.82 4.88
N VAL B 52 -16.03 -15.56 5.95
CA VAL B 52 -17.26 -15.37 6.68
C VAL B 52 -16.98 -14.28 7.72
N ASP B 53 -17.62 -13.10 7.57
CA ASP B 53 -17.36 -11.93 8.41
C ASP B 53 -18.61 -11.39 9.11
N THR B 54 -18.77 -11.72 10.40
CA THR B 54 -19.92 -11.17 11.12
C THR B 54 -19.69 -9.72 11.58
N GLY B 55 -18.53 -9.13 11.23
CA GLY B 55 -18.20 -7.74 11.59
C GLY B 55 -18.40 -6.71 10.51
N SER B 56 -18.99 -7.09 9.36
CA SER B 56 -19.31 -6.15 8.28
C SER B 56 -20.56 -6.62 7.60
N SER B 57 -21.08 -5.82 6.66
CA SER B 57 -22.39 -6.14 6.06
C SER B 57 -22.41 -6.05 4.55
N ASN B 58 -21.25 -6.04 3.90
CA ASN B 58 -21.19 -6.05 2.43
C ASN B 58 -20.64 -7.37 1.92
N PHE B 59 -21.08 -7.73 0.70
CA PHE B 59 -20.50 -8.87 0.00
C PHE B 59 -19.55 -8.24 -1.03
N ALA B 60 -18.24 -8.41 -0.84
CA ALA B 60 -17.24 -7.75 -1.65
C ALA B 60 -16.23 -8.74 -2.12
N VAL B 61 -15.99 -8.78 -3.42
CA VAL B 61 -15.09 -9.78 -3.98
C VAL B 61 -14.02 -9.15 -4.89
N GLY B 62 -12.82 -9.73 -4.90
CA GLY B 62 -11.78 -9.33 -5.84
C GLY B 62 -12.33 -9.41 -7.26
N ALA B 63 -12.17 -8.34 -8.03
CA ALA B 63 -12.69 -8.27 -9.41
C ALA B 63 -11.64 -7.75 -10.39
N ALA B 64 -10.38 -7.80 -10.00
CA ALA B 64 -9.27 -7.34 -10.82
C ALA B 64 -8.03 -8.10 -10.32
N PRO B 65 -7.01 -8.28 -11.18
CA PRO B 65 -5.79 -8.98 -10.72
C PRO B 65 -5.15 -8.31 -9.50
N HIS B 66 -4.67 -9.16 -8.58
CA HIS B 66 -3.98 -8.76 -7.36
C HIS B 66 -2.91 -9.81 -7.12
N PRO B 67 -1.69 -9.43 -6.66
CA PRO B 67 -0.63 -10.44 -6.44
C PRO B 67 -1.02 -11.62 -5.52
N PHE B 68 -1.96 -11.39 -4.56
CA PHE B 68 -2.38 -12.41 -3.60
C PHE B 68 -3.58 -13.24 -4.06
N LEU B 69 -4.12 -12.97 -5.25
CA LEU B 69 -5.31 -13.69 -5.76
C LEU B 69 -4.95 -14.56 -6.95
N HIS B 70 -5.41 -15.81 -6.98
CA HIS B 70 -5.18 -16.64 -8.16
C HIS B 70 -6.47 -16.76 -8.99
N ARG B 71 -7.54 -16.12 -8.48
CA ARG B 71 -8.80 -16.01 -9.22
C ARG B 71 -9.58 -14.81 -8.71
N TYR B 72 -10.51 -14.32 -9.54
CA TYR B 72 -11.29 -13.14 -9.20
C TYR B 72 -12.57 -13.13 -10.02
N TYR B 73 -13.53 -12.32 -9.61
CA TYR B 73 -14.81 -12.21 -10.29
C TYR B 73 -14.64 -11.44 -11.57
N GLN B 74 -15.03 -12.05 -12.69
CA GLN B 74 -14.94 -11.46 -14.03
C GLN B 74 -16.35 -11.14 -14.53
N ARG B 75 -16.77 -9.89 -14.27
CA ARG B 75 -18.14 -9.42 -14.56
C ARG B 75 -18.49 -9.57 -16.04
N GLN B 76 -17.51 -9.31 -16.93
CA GLN B 76 -17.74 -9.40 -18.38
C GLN B 76 -18.07 -10.83 -18.84
N LEU B 77 -17.75 -11.84 -18.01
CA LEU B 77 -18.03 -13.24 -18.35
C LEU B 77 -19.36 -13.74 -17.75
N SER B 78 -20.08 -12.88 -17.01
CA SER B 78 -21.34 -13.26 -16.42
C SER B 78 -22.52 -12.63 -17.18
N SER B 79 -23.41 -13.47 -17.72
CA SER B 79 -24.58 -12.99 -18.45
C SER B 79 -25.63 -12.38 -17.56
N THR B 80 -25.55 -12.67 -16.24
CA THR B 80 -26.53 -12.17 -15.28
C THR B 80 -25.99 -10.99 -14.45
N TYR B 81 -24.80 -10.51 -14.79
CA TYR B 81 -24.24 -9.32 -14.16
C TYR B 81 -25.12 -8.10 -14.47
N ARG B 82 -25.39 -7.28 -13.46
CA ARG B 82 -26.12 -6.01 -13.62
C ARG B 82 -25.28 -4.92 -12.97
N ASP B 83 -24.94 -3.89 -13.72
CA ASP B 83 -24.13 -2.78 -13.24
C ASP B 83 -25.02 -1.75 -12.54
N LEU B 84 -24.72 -1.43 -11.25
CA LEU B 84 -25.47 -0.44 -10.52
C LEU B 84 -24.94 0.98 -10.80
N ARG B 85 -23.84 1.12 -11.56
CA ARG B 85 -23.22 2.41 -11.97
C ARG B 85 -22.90 3.27 -10.76
N LYS B 86 -22.37 2.65 -9.70
CA LYS B 86 -22.06 3.35 -8.46
C LYS B 86 -20.80 2.74 -7.86
N GLY B 87 -19.93 3.60 -7.37
CA GLY B 87 -18.73 3.19 -6.68
C GLY B 87 -18.97 3.09 -5.18
N VAL B 88 -18.04 2.46 -4.49
CA VAL B 88 -18.06 2.33 -3.04
C VAL B 88 -16.61 2.36 -2.55
N TYR B 89 -16.30 3.27 -1.63
CA TYR B 89 -14.96 3.41 -1.07
C TYR B 89 -15.05 3.16 0.43
N VAL B 90 -14.30 2.14 0.89
CA VAL B 90 -14.34 1.71 2.28
C VAL B 90 -12.97 1.75 2.97
N PRO B 91 -12.58 2.92 3.53
CA PRO B 91 -11.34 2.97 4.33
C PRO B 91 -11.70 2.54 5.75
N TYR B 92 -10.91 1.65 6.35
CA TYR B 92 -11.17 1.20 7.72
C TYR B 92 -9.85 1.28 8.51
N THR B 93 -9.86 0.99 9.82
CA THR B 93 -8.64 1.15 10.63
C THR B 93 -7.44 0.38 10.05
N GLN B 94 -7.61 -0.90 9.76
CA GLN B 94 -6.50 -1.73 9.28
C GLN B 94 -6.21 -1.71 7.76
N GLY B 95 -7.00 -0.99 6.97
CA GLY B 95 -6.80 -1.01 5.53
C GLY B 95 -7.91 -0.33 4.76
N LYS B 96 -8.00 -0.62 3.42
CA LYS B 96 -9.03 0.00 2.57
C LYS B 96 -9.40 -0.94 1.43
N TRP B 97 -10.61 -0.73 0.90
CA TRP B 97 -11.02 -1.37 -0.34
C TRP B 97 -11.91 -0.44 -1.09
N GLU B 98 -11.85 -0.54 -2.41
CA GLU B 98 -12.67 0.30 -3.27
C GLU B 98 -13.25 -0.59 -4.34
N GLY B 99 -14.51 -0.35 -4.68
CA GLY B 99 -15.12 -1.20 -5.67
C GLY B 99 -16.25 -0.56 -6.43
N GLU B 100 -16.82 -1.35 -7.32
CA GLU B 100 -17.92 -0.97 -8.20
C GLU B 100 -19.09 -1.86 -7.87
N LEU B 101 -20.25 -1.26 -7.61
CA LEU B 101 -21.44 -1.98 -7.20
C LEU B 101 -22.21 -2.55 -8.37
N GLY B 102 -22.76 -3.73 -8.16
CA GLY B 102 -23.58 -4.41 -9.13
C GLY B 102 -24.35 -5.52 -8.46
N THR B 103 -25.14 -6.27 -9.24
CA THR B 103 -25.84 -7.44 -8.69
C THR B 103 -25.56 -8.64 -9.62
N ASP B 104 -25.69 -9.85 -9.05
CA ASP B 104 -25.54 -11.06 -9.85
C ASP B 104 -26.20 -12.21 -9.09
N LEU B 105 -26.28 -13.38 -9.73
CA LEU B 105 -26.84 -14.56 -9.10
C LEU B 105 -25.73 -15.23 -8.30
N VAL B 106 -26.06 -15.56 -7.04
CA VAL B 106 -25.10 -16.08 -6.07
C VAL B 106 -25.63 -17.36 -5.44
N SER B 107 -24.76 -18.36 -5.28
CA SER B 107 -25.10 -19.62 -4.63
C SER B 107 -23.99 -20.00 -3.64
N ILE B 108 -24.33 -20.91 -2.73
CA ILE B 108 -23.40 -21.47 -1.76
C ILE B 108 -23.46 -23.01 -1.99
N PRO B 109 -22.48 -23.57 -2.72
CA PRO B 109 -22.55 -25.01 -3.08
C PRO B 109 -22.81 -25.95 -1.90
N HIS B 110 -22.15 -25.69 -0.75
CA HIS B 110 -22.38 -26.49 0.46
C HIS B 110 -23.23 -25.67 1.41
N GLY B 111 -24.39 -25.25 0.91
CA GLY B 111 -25.32 -24.40 1.65
C GLY B 111 -26.74 -24.80 1.30
N PRO B 112 -27.71 -23.89 1.44
CA PRO B 112 -29.09 -24.23 1.03
C PRO B 112 -29.15 -24.35 -0.49
N ASN B 113 -30.02 -25.22 -0.99
CA ASN B 113 -30.16 -25.46 -2.41
C ASN B 113 -30.97 -24.31 -3.06
N VAL B 114 -30.39 -23.10 -3.05
CA VAL B 114 -31.06 -21.89 -3.56
C VAL B 114 -30.04 -21.03 -4.29
N THR B 115 -30.54 -20.16 -5.17
CA THR B 115 -29.72 -19.19 -5.86
C THR B 115 -30.41 -17.87 -5.66
N VAL B 116 -29.66 -16.83 -5.30
CA VAL B 116 -30.31 -15.54 -5.09
C VAL B 116 -29.64 -14.42 -5.84
N ARG B 117 -30.40 -13.37 -6.11
CA ARG B 117 -29.87 -12.19 -6.75
C ARG B 117 -29.41 -11.26 -5.61
N ALA B 118 -28.10 -11.02 -5.55
CA ALA B 118 -27.53 -10.25 -4.46
C ALA B 118 -26.62 -9.14 -4.92
N ASN B 119 -26.45 -8.12 -4.06
CA ASN B 119 -25.49 -7.06 -4.33
C ASN B 119 -24.07 -7.61 -4.22
N ILE B 120 -23.18 -7.14 -5.09
CA ILE B 120 -21.77 -7.52 -5.06
C ILE B 120 -20.94 -6.28 -5.31
N ALA B 121 -19.99 -6.03 -4.43
CA ALA B 121 -19.04 -4.94 -4.62
C ALA B 121 -17.82 -5.57 -5.27
N ALA B 122 -17.57 -5.19 -6.49
CA ALA B 122 -16.48 -5.72 -7.28
C ALA B 122 -15.23 -4.89 -6.95
N ILE B 123 -14.32 -5.47 -6.16
CA ILE B 123 -13.13 -4.77 -5.67
C ILE B 123 -12.10 -4.52 -6.76
N THR B 124 -11.78 -3.23 -7.00
CA THR B 124 -10.82 -2.86 -8.03
C THR B 124 -9.50 -2.37 -7.47
N GLU B 125 -9.53 -1.84 -6.23
CA GLU B 125 -8.34 -1.30 -5.55
C GLU B 125 -8.43 -1.68 -4.08
N SER B 126 -7.29 -2.02 -3.47
CA SER B 126 -7.32 -2.39 -2.05
C SER B 126 -5.97 -2.17 -1.36
N ASP B 127 -5.99 -2.07 -0.03
CA ASP B 127 -4.80 -1.80 0.79
C ASP B 127 -4.93 -2.69 2.02
N LYS B 128 -4.05 -3.70 2.14
CA LYS B 128 -3.99 -4.64 3.27
C LYS B 128 -5.31 -5.36 3.51
N PHE B 129 -6.08 -5.58 2.43
CA PHE B 129 -7.37 -6.24 2.50
C PHE B 129 -7.15 -7.72 2.26
N PHE B 130 -6.61 -8.06 1.09
CA PHE B 130 -6.31 -9.44 0.77
C PHE B 130 -5.11 -9.91 1.59
N ILE B 131 -5.10 -11.22 1.92
CA ILE B 131 -4.02 -11.82 2.72
C ILE B 131 -3.32 -12.89 1.90
N ASN B 132 -2.00 -12.78 1.78
CA ASN B 132 -1.18 -13.75 1.06
C ASN B 132 -1.31 -15.14 1.71
N GLY B 133 -1.76 -16.12 0.92
CA GLY B 133 -1.95 -17.51 1.31
C GLY B 133 -3.20 -17.81 2.12
N SER B 134 -4.16 -16.87 2.22
CA SER B 134 -5.40 -17.09 2.98
C SER B 134 -6.37 -18.02 2.25
N ASN B 135 -6.22 -18.10 0.92
CA ASN B 135 -7.06 -18.90 0.02
C ASN B 135 -8.47 -18.31 -0.20
N TRP B 136 -8.73 -17.07 0.23
CA TRP B 136 -10.03 -16.48 -0.07
C TRP B 136 -9.87 -15.25 -0.97
N GLU B 137 -10.92 -14.99 -1.74
CA GLU B 137 -10.93 -13.93 -2.75
C GLU B 137 -11.99 -12.86 -2.51
N GLY B 138 -12.74 -12.96 -1.42
CA GLY B 138 -13.75 -11.96 -1.11
C GLY B 138 -14.22 -12.16 0.30
N ILE B 139 -15.15 -11.31 0.73
CA ILE B 139 -15.68 -11.29 2.09
C ILE B 139 -17.19 -11.26 2.06
N LEU B 140 -17.81 -12.10 2.91
CA LEU B 140 -19.26 -12.11 3.07
C LEU B 140 -19.60 -11.45 4.40
N GLY B 141 -20.02 -10.17 4.33
CA GLY B 141 -20.45 -9.44 5.51
C GLY B 141 -21.83 -9.89 5.93
N LEU B 142 -21.90 -10.50 7.12
CA LEU B 142 -23.15 -11.10 7.61
C LEU B 142 -23.92 -10.24 8.62
N ALA B 143 -23.39 -9.05 8.96
CA ALA B 143 -24.07 -8.16 9.89
C ALA B 143 -25.21 -7.38 9.19
N TYR B 144 -25.82 -6.40 9.88
CA TYR B 144 -27.03 -5.74 9.42
C TYR B 144 -26.85 -4.56 8.50
N ALA B 145 -27.92 -4.20 7.77
CA ALA B 145 -27.90 -3.11 6.80
C ALA B 145 -27.44 -1.77 7.35
N GLU B 146 -27.68 -1.51 8.66
CA GLU B 146 -27.24 -0.22 9.22
C GLU B 146 -25.80 0.14 8.92
N ILE B 147 -24.89 -0.87 8.88
CA ILE B 147 -23.47 -0.63 8.67
C ILE B 147 -22.99 -1.02 7.25
N ALA B 148 -23.97 -1.27 6.32
CA ALA B 148 -23.62 -1.52 4.93
C ALA B 148 -23.09 -0.26 4.28
N ARG B 149 -22.19 -0.42 3.30
CA ARG B 149 -21.59 0.70 2.59
C ARG B 149 -22.10 0.68 1.15
N PRO B 150 -22.37 1.85 0.54
CA PRO B 150 -22.16 3.21 1.08
C PRO B 150 -23.15 3.63 2.15
N ASP B 151 -24.32 2.98 2.19
CA ASP B 151 -25.37 3.25 3.16
C ASP B 151 -26.30 2.06 3.32
N ASP B 152 -27.27 2.17 4.25
CA ASP B 152 -28.20 1.10 4.59
C ASP B 152 -29.21 0.73 3.48
N SER B 153 -29.16 1.39 2.29
CA SER B 153 -30.04 1.01 1.20
C SER B 153 -29.45 -0.18 0.41
N LEU B 154 -28.17 -0.50 0.64
CA LEU B 154 -27.51 -1.60 -0.07
C LEU B 154 -27.76 -2.86 0.71
N GLU B 155 -28.78 -3.61 0.29
CA GLU B 155 -29.20 -4.79 1.01
C GLU B 155 -28.09 -5.82 1.19
N PRO B 156 -27.80 -6.24 2.45
CA PRO B 156 -26.78 -7.27 2.66
C PRO B 156 -27.20 -8.63 2.10
N PHE B 157 -26.22 -9.49 1.82
CA PHE B 157 -26.47 -10.81 1.28
C PHE B 157 -27.51 -11.62 2.06
N PHE B 158 -27.34 -11.71 3.39
CA PHE B 158 -28.25 -12.57 4.15
C PHE B 158 -29.67 -12.05 4.13
N ASP B 159 -29.83 -10.72 4.07
CA ASP B 159 -31.17 -10.12 3.96
C ASP B 159 -31.82 -10.53 2.63
N SER B 160 -31.04 -10.53 1.54
CA SER B 160 -31.53 -10.97 0.22
C SER B 160 -31.89 -12.43 0.26
N LEU B 161 -31.02 -13.26 0.87
CA LEU B 161 -31.26 -14.67 0.97
C LEU B 161 -32.60 -14.97 1.66
N VAL B 162 -32.88 -14.32 2.80
CA VAL B 162 -34.11 -14.56 3.55
C VAL B 162 -35.33 -14.05 2.78
N LYS B 163 -35.20 -12.88 2.14
CA LYS B 163 -36.33 -12.28 1.40
C LYS B 163 -36.74 -13.11 0.20
N GLN B 164 -35.75 -13.65 -0.51
CA GLN B 164 -36.01 -14.38 -1.77
C GLN B 164 -36.29 -15.88 -1.65
N THR B 165 -36.02 -16.48 -0.47
CA THR B 165 -36.20 -17.92 -0.30
C THR B 165 -36.97 -18.24 0.99
N HIS B 166 -37.14 -19.52 1.32
CA HIS B 166 -37.80 -19.86 2.58
C HIS B 166 -36.75 -20.20 3.65
N VAL B 167 -35.49 -19.72 3.44
CA VAL B 167 -34.44 -20.04 4.43
C VAL B 167 -34.76 -19.29 5.73
N PRO B 168 -34.82 -19.99 6.89
CA PRO B 168 -35.08 -19.28 8.16
C PRO B 168 -34.00 -18.19 8.45
N ASN B 169 -34.42 -17.12 9.14
CA ASN B 169 -33.58 -15.96 9.44
C ASN B 169 -32.61 -16.25 10.61
N LEU B 170 -31.67 -17.14 10.37
CA LEU B 170 -30.72 -17.56 11.39
C LEU B 170 -29.56 -18.26 10.72
N PHE B 171 -28.35 -18.13 11.30
CA PHE B 171 -27.24 -18.94 10.82
C PHE B 171 -26.42 -19.24 12.06
N SER B 172 -25.63 -20.28 11.99
CA SER B 172 -24.80 -20.65 13.12
C SER B 172 -23.41 -21.00 12.67
N LEU B 173 -22.40 -20.65 13.50
CA LEU B 173 -21.00 -20.88 13.13
C LEU B 173 -20.26 -21.73 14.14
N GLN B 174 -19.57 -22.75 13.64
CA GLN B 174 -18.67 -23.56 14.45
C GLN B 174 -17.29 -23.36 13.80
N LEU B 175 -16.44 -22.50 14.40
CA LEU B 175 -15.09 -22.27 13.88
C LEU B 175 -14.15 -23.19 14.65
N CYS B 176 -13.38 -24.01 13.92
CA CYS B 176 -12.54 -25.02 14.55
C CYS B 176 -11.06 -24.72 14.45
N GLY B 177 -10.50 -24.27 15.57
CA GLY B 177 -9.04 -24.08 15.65
C GLY B 177 -8.39 -25.43 15.77
N ALA B 178 -7.28 -25.65 15.04
CA ALA B 178 -6.63 -26.96 15.10
C ALA B 178 -5.90 -27.21 16.41
N GLY B 179 -5.45 -26.15 17.09
CA GLY B 179 -4.66 -26.28 18.31
C GLY B 179 -3.17 -26.39 18.02
N PHE B 180 -2.80 -26.36 16.74
CA PHE B 180 -1.42 -26.43 16.29
C PHE B 180 -1.35 -25.74 14.91
N PRO B 181 -0.16 -25.37 14.43
CA PRO B 181 -0.10 -24.70 13.12
C PRO B 181 -0.40 -25.69 11.99
N LEU B 182 -1.09 -25.20 10.99
CA LEU B 182 -1.38 -26.00 9.79
C LEU B 182 -0.52 -25.38 8.71
N ASN B 183 0.27 -26.19 7.99
CA ASN B 183 1.10 -25.64 6.92
C ASN B 183 0.22 -25.34 5.69
N GLN B 184 0.82 -24.79 4.61
CA GLN B 184 0.11 -24.44 3.38
C GLN B 184 -0.78 -25.58 2.85
N SER B 185 -0.25 -26.81 2.78
CA SER B 185 -1.04 -27.94 2.28
C SER B 185 -2.10 -28.41 3.26
N GLU B 186 -1.74 -28.51 4.55
CA GLU B 186 -2.66 -28.99 5.57
C GLU B 186 -3.89 -28.08 5.71
N VAL B 187 -3.70 -26.76 5.67
CA VAL B 187 -4.81 -25.81 5.82
C VAL B 187 -5.79 -25.93 4.63
N LEU B 188 -5.29 -26.32 3.44
CA LEU B 188 -6.17 -26.50 2.29
C LEU B 188 -6.93 -27.82 2.38
N ALA B 189 -6.34 -28.84 3.02
CA ALA B 189 -6.94 -30.16 3.14
C ALA B 189 -7.79 -30.37 4.38
N SER B 190 -7.66 -29.47 5.35
CA SER B 190 -8.30 -29.56 6.64
C SER B 190 -9.70 -28.93 6.72
N VAL B 191 -10.58 -29.52 7.51
CA VAL B 191 -11.91 -28.96 7.77
C VAL B 191 -11.76 -27.91 8.87
N GLY B 192 -12.18 -26.67 8.58
CA GLY B 192 -12.08 -25.57 9.53
C GLY B 192 -13.34 -25.31 10.32
N GLY B 193 -14.41 -26.03 10.03
CA GLY B 193 -15.64 -25.81 10.77
C GLY B 193 -16.89 -25.83 9.91
N SER B 194 -17.98 -25.26 10.43
CA SER B 194 -19.27 -25.28 9.75
C SER B 194 -19.99 -24.00 9.84
N MET B 195 -20.64 -23.61 8.74
CA MET B 195 -21.59 -22.51 8.72
C MET B 195 -22.92 -23.15 8.34
N ILE B 196 -23.84 -23.22 9.30
CA ILE B 196 -25.17 -23.80 9.07
C ILE B 196 -26.11 -22.65 8.75
N ILE B 197 -26.57 -22.58 7.49
CA ILE B 197 -27.44 -21.50 7.06
C ILE B 197 -28.88 -21.93 7.23
N GLY B 198 -29.61 -21.21 8.08
CA GLY B 198 -31.02 -21.46 8.34
C GLY B 198 -31.34 -22.43 9.45
N GLY B 199 -30.34 -22.79 10.27
CA GLY B 199 -30.58 -23.74 11.34
C GLY B 199 -29.43 -23.96 12.29
N ILE B 200 -29.67 -24.90 13.22
CA ILE B 200 -28.78 -25.32 14.29
C ILE B 200 -28.55 -26.80 14.13
N ASP B 201 -27.30 -27.22 14.08
CA ASP B 201 -26.98 -28.63 13.96
C ASP B 201 -26.50 -29.09 15.33
N HIS B 202 -27.26 -30.00 15.94
CA HIS B 202 -26.96 -30.47 17.30
C HIS B 202 -25.66 -31.28 17.44
N SER B 203 -25.08 -31.78 16.33
CA SER B 203 -23.80 -32.52 16.42
C SER B 203 -22.59 -31.60 16.68
N LEU B 204 -22.78 -30.28 16.52
CA LEU B 204 -21.65 -29.34 16.62
C LEU B 204 -21.36 -28.80 18.00
N TYR B 205 -22.19 -29.14 18.97
CA TYR B 205 -21.99 -28.67 20.33
C TYR B 205 -22.36 -29.72 21.37
N THR B 206 -21.93 -29.44 22.61
CA THR B 206 -22.29 -30.28 23.77
C THR B 206 -22.97 -29.39 24.78
N GLY B 207 -23.79 -30.01 25.64
CA GLY B 207 -24.49 -29.27 26.66
C GLY B 207 -25.57 -28.35 26.10
N SER B 208 -25.91 -27.33 26.87
CA SER B 208 -26.99 -26.42 26.51
C SER B 208 -26.54 -25.17 25.78
N LEU B 209 -27.46 -24.60 24.99
CA LEU B 209 -27.26 -23.31 24.36
C LEU B 209 -27.81 -22.25 25.32
N TRP B 210 -27.04 -21.18 25.55
CA TRP B 210 -27.46 -20.03 26.36
C TRP B 210 -27.48 -18.82 25.45
N TYR B 211 -28.52 -18.01 25.56
CA TYR B 211 -28.68 -16.87 24.67
C TYR B 211 -28.54 -15.52 25.34
N THR B 212 -27.87 -14.61 24.63
CA THR B 212 -27.71 -13.23 25.05
C THR B 212 -28.49 -12.37 24.04
N PRO B 213 -29.18 -11.30 24.45
CA PRO B 213 -29.89 -10.48 23.45
C PRO B 213 -28.91 -9.78 22.49
N ILE B 214 -29.35 -9.57 21.24
CA ILE B 214 -28.64 -8.70 20.33
C ILE B 214 -29.14 -7.30 20.76
N ARG B 215 -28.24 -6.47 21.32
CA ARG B 215 -28.65 -5.17 21.88
C ARG B 215 -29.28 -4.26 20.83
N ARG B 216 -28.67 -4.23 19.66
CA ARG B 216 -29.08 -3.41 18.54
C ARG B 216 -28.59 -4.08 17.28
N GLU B 217 -29.40 -4.00 16.22
CA GLU B 217 -29.08 -4.65 14.95
C GLU B 217 -28.25 -3.77 14.03
N TRP B 218 -26.93 -3.82 14.19
CA TRP B 218 -26.01 -3.07 13.33
C TRP B 218 -24.81 -4.02 13.18
N TYR B 219 -23.88 -4.00 14.12
CA TYR B 219 -22.94 -5.09 14.34
C TYR B 219 -23.80 -6.11 15.14
N TYR B 220 -23.23 -7.30 15.44
CA TYR B 220 -23.89 -8.23 16.37
C TYR B 220 -23.45 -7.80 17.76
N GLU B 221 -24.16 -6.77 18.29
CA GLU B 221 -23.80 -6.12 19.56
C GLU B 221 -24.39 -6.89 20.76
N VAL B 222 -23.56 -7.09 21.80
CA VAL B 222 -23.97 -7.79 23.01
C VAL B 222 -23.52 -6.95 24.21
N ILE B 223 -23.94 -7.39 25.43
CA ILE B 223 -23.54 -6.71 26.65
C ILE B 223 -22.86 -7.71 27.60
N ILE B 224 -21.61 -7.39 27.96
CA ILE B 224 -20.79 -8.15 28.94
C ILE B 224 -21.05 -7.51 30.30
N VAL B 225 -21.38 -8.33 31.31
CA VAL B 225 -21.76 -7.77 32.62
C VAL B 225 -20.75 -8.06 33.73
N ARG B 226 -19.79 -8.97 33.49
CA ARG B 226 -18.77 -9.32 34.49
C ARG B 226 -17.63 -10.02 33.74
N VAL B 227 -16.41 -9.83 34.24
CA VAL B 227 -15.25 -10.51 33.67
C VAL B 227 -14.48 -11.12 34.83
N GLU B 228 -14.05 -12.41 34.67
CA GLU B 228 -13.20 -13.08 35.66
C GLU B 228 -11.97 -13.64 34.98
N ILE B 229 -10.88 -13.66 35.74
CA ILE B 229 -9.62 -14.31 35.33
C ILE B 229 -9.37 -15.37 36.40
N ASN B 230 -9.52 -16.67 36.04
CA ASN B 230 -9.39 -17.74 37.05
C ASN B 230 -10.34 -17.51 38.26
N GLY B 231 -11.55 -17.11 37.96
CA GLY B 231 -12.56 -16.89 38.97
C GLY B 231 -12.43 -15.57 39.72
N GLN B 232 -11.31 -14.83 39.52
CA GLN B 232 -11.13 -13.55 40.21
C GLN B 232 -11.79 -12.46 39.37
N ASP B 233 -12.73 -11.73 40.00
CA ASP B 233 -13.44 -10.64 39.36
C ASP B 233 -12.49 -9.51 38.96
N LEU B 234 -12.53 -9.08 37.69
CA LEU B 234 -11.68 -7.96 37.25
C LEU B 234 -12.11 -6.67 37.97
N LYS B 235 -13.34 -6.67 38.49
CA LYS B 235 -13.95 -5.67 39.36
C LYS B 235 -13.98 -4.24 38.78
N MET B 236 -14.20 -4.14 37.48
CA MET B 236 -14.35 -2.83 36.87
C MET B 236 -15.82 -2.48 36.76
N ASP B 237 -16.16 -1.18 36.60
CA ASP B 237 -17.54 -0.78 36.31
C ASP B 237 -17.85 -1.50 34.97
N CYS B 238 -18.95 -2.26 34.91
CA CYS B 238 -19.24 -3.08 33.72
C CYS B 238 -19.42 -2.25 32.46
N LYS B 239 -19.69 -0.93 32.60
CA LYS B 239 -19.78 -0.08 31.40
C LYS B 239 -18.41 -0.06 30.68
N GLU B 240 -17.29 -0.22 31.43
CA GLU B 240 -15.96 -0.25 30.81
C GLU B 240 -15.83 -1.44 29.84
N TYR B 241 -16.51 -2.56 30.14
CA TYR B 241 -16.38 -3.74 29.29
C TYR B 241 -17.06 -3.56 27.94
N ASN B 242 -17.99 -2.62 27.86
CA ASN B 242 -18.77 -2.40 26.62
C ASN B 242 -18.57 -0.99 26.10
N TYR B 243 -17.39 -0.39 26.39
CA TYR B 243 -17.11 0.97 25.93
C TYR B 243 -16.27 0.90 24.63
N ASP B 244 -16.80 1.35 23.46
CA ASP B 244 -18.13 1.92 23.25
C ASP B 244 -19.19 0.92 22.78
N LYS B 245 -18.79 -0.35 22.58
CA LYS B 245 -19.70 -1.42 22.23
C LYS B 245 -18.96 -2.73 22.47
N SER B 246 -19.68 -3.84 22.48
CA SER B 246 -19.09 -5.16 22.47
C SER B 246 -19.74 -5.89 21.31
N ILE B 247 -18.92 -6.52 20.43
CA ILE B 247 -19.53 -7.23 19.27
C ILE B 247 -18.92 -8.61 19.09
N VAL B 248 -19.63 -9.48 18.35
CA VAL B 248 -19.12 -10.82 18.01
C VAL B 248 -18.68 -10.72 16.54
N ASP B 249 -17.37 -10.91 16.27
CA ASP B 249 -16.81 -10.67 14.96
C ASP B 249 -15.89 -11.78 14.49
N SER B 250 -16.41 -12.67 13.61
CA SER B 250 -15.61 -13.78 13.05
C SER B 250 -14.45 -13.26 12.19
N GLY B 251 -14.54 -11.99 11.74
CA GLY B 251 -13.50 -11.39 10.91
C GLY B 251 -12.32 -10.81 11.66
N THR B 252 -12.41 -10.76 13.00
CA THR B 252 -11.28 -10.33 13.84
C THR B 252 -10.65 -11.60 14.39
N THR B 253 -9.32 -11.64 14.47
CA THR B 253 -8.66 -12.83 15.03
C THR B 253 -8.78 -12.87 16.55
N ASN B 254 -8.37 -11.79 17.22
CA ASN B 254 -8.22 -11.80 18.66
C ASN B 254 -9.47 -11.52 19.45
N LEU B 255 -9.35 -11.73 20.80
CA LEU B 255 -10.25 -11.14 21.75
C LEU B 255 -9.65 -9.71 21.92
N ARG B 256 -10.39 -8.67 21.51
CA ARG B 256 -9.89 -7.30 21.65
C ARG B 256 -10.67 -6.64 22.77
N LEU B 257 -9.96 -5.93 23.65
CA LEU B 257 -10.62 -5.31 24.80
C LEU B 257 -10.35 -3.82 24.83
N PRO B 258 -11.32 -3.02 25.33
CA PRO B 258 -11.06 -1.57 25.48
C PRO B 258 -9.80 -1.33 26.28
N LYS B 259 -9.04 -0.28 25.92
CA LYS B 259 -7.76 0.04 26.56
C LYS B 259 -7.69 -0.23 28.09
N LYS B 260 -8.60 0.36 28.87
CA LYS B 260 -8.59 0.23 30.34
C LYS B 260 -8.79 -1.22 30.77
N VAL B 261 -9.68 -1.93 30.06
CA VAL B 261 -9.98 -3.34 30.35
C VAL B 261 -8.80 -4.21 29.95
N PHE B 262 -8.17 -3.92 28.81
CA PHE B 262 -7.01 -4.67 28.37
C PHE B 262 -5.89 -4.54 29.39
N GLU B 263 -5.62 -3.31 29.85
CA GLU B 263 -4.55 -3.08 30.84
C GLU B 263 -4.82 -3.89 32.13
N ALA B 264 -6.07 -3.87 32.63
CA ALA B 264 -6.42 -4.63 33.85
C ALA B 264 -6.34 -6.13 33.63
N ALA B 265 -6.85 -6.61 32.47
CA ALA B 265 -6.83 -8.05 32.16
C ALA B 265 -5.40 -8.56 32.03
N VAL B 266 -4.51 -7.84 31.30
CA VAL B 266 -3.11 -8.25 31.15
C VAL B 266 -2.40 -8.30 32.50
N LYS B 267 -2.66 -7.33 33.38
CA LYS B 267 -2.05 -7.35 34.72
C LYS B 267 -2.47 -8.64 35.46
N SER B 268 -3.77 -9.00 35.35
CA SER B 268 -4.28 -10.18 36.04
C SER B 268 -3.76 -11.48 35.42
N ILE B 269 -3.68 -11.54 34.07
CA ILE B 269 -3.17 -12.75 33.41
C ILE B 269 -1.68 -12.91 33.72
N LYS B 270 -0.94 -11.79 33.75
CA LYS B 270 0.48 -11.85 34.12
C LYS B 270 0.63 -12.38 35.56
N ALA B 271 -0.21 -11.88 36.48
CA ALA B 271 -0.12 -12.30 37.88
C ALA B 271 -0.41 -13.80 38.02
N ALA B 272 -1.43 -14.29 37.29
CA ALA B 272 -1.81 -15.70 37.37
C ALA B 272 -0.72 -16.61 36.78
N SER B 273 -0.02 -16.13 35.74
CA SER B 273 1.01 -16.92 35.04
C SER B 273 2.43 -16.57 35.50
N SER B 274 2.57 -15.88 36.64
CA SER B 274 3.84 -15.33 37.11
C SER B 274 4.95 -16.34 37.37
N THR B 275 4.65 -17.65 37.41
CA THR B 275 5.74 -18.63 37.55
C THR B 275 6.68 -18.66 36.32
N GLU B 276 6.24 -18.09 35.16
CA GLU B 276 7.09 -17.94 33.98
C GLU B 276 6.99 -16.51 33.54
N LYS B 277 8.13 -15.90 33.20
CA LYS B 277 8.16 -14.52 32.75
C LYS B 277 8.33 -14.47 31.27
N PHE B 278 7.52 -13.63 30.63
CA PHE B 278 7.54 -13.48 29.18
C PHE B 278 7.91 -12.05 28.83
N PRO B 279 8.60 -11.86 27.68
CA PRO B 279 8.98 -10.50 27.29
C PRO B 279 7.78 -9.63 26.97
N ASP B 280 7.97 -8.30 27.02
CA ASP B 280 6.91 -7.35 26.74
C ASP B 280 6.25 -7.57 25.38
N GLY B 281 7.05 -7.92 24.36
CA GLY B 281 6.57 -8.17 23.01
C GLY B 281 5.56 -9.30 22.94
N PHE B 282 5.66 -10.26 23.88
CA PHE B 282 4.66 -11.35 23.89
C PHE B 282 3.30 -10.77 24.28
N TRP B 283 3.25 -9.99 25.37
CA TRP B 283 2.02 -9.41 25.87
C TRP B 283 1.40 -8.39 24.94
N LEU B 284 2.21 -7.82 24.01
CA LEU B 284 1.75 -6.88 22.98
C LEU B 284 1.23 -7.63 21.74
N GLY B 285 1.25 -8.95 21.81
CA GLY B 285 0.72 -9.80 20.74
C GLY B 285 1.54 -9.83 19.48
N GLU B 286 2.80 -9.36 19.54
CA GLU B 286 3.70 -9.28 18.40
C GLU B 286 4.68 -10.42 18.32
N GLN B 287 5.22 -10.88 19.46
CA GLN B 287 6.28 -11.86 19.56
C GLN B 287 5.77 -13.23 19.95
N LEU B 288 6.30 -14.26 19.32
CA LEU B 288 5.90 -15.61 19.69
C LEU B 288 6.64 -16.07 20.92
N VAL B 289 6.06 -17.05 21.59
CA VAL B 289 6.67 -17.76 22.71
C VAL B 289 6.65 -19.22 22.30
N CYS B 290 7.75 -19.95 22.56
CA CYS B 290 7.88 -21.37 22.19
C CYS B 290 8.24 -22.21 23.37
N TRP B 291 7.75 -23.45 23.35
CA TRP B 291 8.14 -24.46 24.30
C TRP B 291 8.54 -25.73 23.56
N GLN B 292 9.36 -26.56 24.21
CA GLN B 292 9.72 -27.86 23.64
C GLN B 292 8.41 -28.64 23.34
N ALA B 293 8.41 -29.39 22.21
CA ALA B 293 7.25 -30.14 21.75
C ALA B 293 6.50 -30.82 22.88
N GLY B 294 5.20 -30.52 22.99
CA GLY B 294 4.31 -31.14 23.97
C GLY B 294 4.35 -30.58 25.38
N THR B 295 5.23 -29.62 25.66
CA THR B 295 5.44 -29.11 27.03
C THR B 295 4.79 -27.77 27.33
N THR B 296 3.94 -27.25 26.43
CA THR B 296 3.24 -25.97 26.69
C THR B 296 2.61 -26.07 28.10
N PRO B 297 2.94 -25.10 28.98
CA PRO B 297 2.45 -25.17 30.37
C PRO B 297 1.06 -24.55 30.50
N TRP B 298 0.08 -25.16 29.84
CA TRP B 298 -1.28 -24.64 29.87
C TRP B 298 -1.76 -24.30 31.27
N ASN B 299 -1.41 -25.17 32.24
CA ASN B 299 -1.91 -25.03 33.60
C ASN B 299 -1.50 -23.73 34.31
N ILE B 300 -0.39 -23.10 33.86
CA ILE B 300 0.03 -21.86 34.53
C ILE B 300 -0.79 -20.66 34.05
N PHE B 301 -1.46 -20.79 32.89
CA PHE B 301 -2.29 -19.74 32.35
C PHE B 301 -3.72 -19.85 32.85
N PRO B 302 -4.37 -18.71 33.12
CA PRO B 302 -5.71 -18.78 33.70
C PRO B 302 -6.80 -18.96 32.66
N VAL B 303 -7.98 -19.38 33.11
CA VAL B 303 -9.17 -19.38 32.26
C VAL B 303 -9.74 -17.97 32.33
N ILE B 304 -10.53 -17.58 31.30
CA ILE B 304 -11.15 -16.25 31.28
C ILE B 304 -12.63 -16.47 31.10
N SER B 305 -13.45 -15.85 31.96
CA SER B 305 -14.89 -15.96 31.86
C SER B 305 -15.49 -14.62 31.55
N LEU B 306 -16.35 -14.58 30.54
CA LEU B 306 -17.11 -13.39 30.19
C LEU B 306 -18.57 -13.71 30.49
N TYR B 307 -19.18 -12.88 31.36
CA TYR B 307 -20.60 -13.04 31.68
C TYR B 307 -21.38 -12.15 30.76
N LEU B 308 -22.41 -12.72 30.15
CA LEU B 308 -23.26 -12.01 29.19
C LEU B 308 -24.66 -11.85 29.73
N MET B 309 -25.33 -10.75 29.36
CA MET B 309 -26.74 -10.56 29.74
C MET B 309 -27.59 -11.73 29.23
N GLY B 310 -28.47 -12.24 30.08
CA GLY B 310 -29.35 -13.33 29.67
C GLY B 310 -30.65 -12.85 29.08
N GLU B 311 -31.51 -13.78 28.68
CA GLU B 311 -32.80 -13.40 28.10
C GLU B 311 -33.83 -13.08 29.18
N VAL B 312 -33.65 -13.64 30.39
CA VAL B 312 -34.54 -13.47 31.54
C VAL B 312 -34.08 -12.24 32.34
N THR B 313 -35.03 -11.46 32.87
CA THR B 313 -34.69 -10.30 33.67
C THR B 313 -33.81 -10.72 34.84
N ASN B 314 -32.75 -9.93 35.09
CA ASN B 314 -31.78 -10.08 36.17
C ASN B 314 -31.00 -11.39 36.14
N GLN B 315 -30.91 -12.01 34.97
CA GLN B 315 -30.19 -13.26 34.80
C GLN B 315 -29.03 -13.07 33.81
N SER B 316 -27.87 -13.66 34.11
CA SER B 316 -26.75 -13.70 33.17
C SER B 316 -26.26 -15.14 33.06
N PHE B 317 -25.32 -15.37 32.14
CA PHE B 317 -24.66 -16.67 32.02
C PHE B 317 -23.22 -16.35 31.70
N ARG B 318 -22.33 -17.34 31.80
CA ARG B 318 -20.92 -17.08 31.47
C ARG B 318 -20.40 -18.05 30.41
N ILE B 319 -19.46 -17.56 29.62
CA ILE B 319 -18.69 -18.40 28.70
C ILE B 319 -17.25 -18.37 29.21
N THR B 320 -16.61 -19.54 29.28
CA THR B 320 -15.26 -19.63 29.79
C THR B 320 -14.33 -20.19 28.75
N ILE B 321 -13.23 -19.48 28.50
CA ILE B 321 -12.23 -19.90 27.52
C ILE B 321 -10.94 -20.25 28.23
N LEU B 322 -10.17 -21.08 27.57
CA LEU B 322 -8.91 -21.55 28.06
C LEU B 322 -7.76 -20.85 27.37
N PRO B 323 -6.53 -20.99 27.90
CA PRO B 323 -5.36 -20.52 27.13
C PRO B 323 -5.25 -21.23 25.76
N GLN B 324 -5.84 -22.46 25.59
CA GLN B 324 -5.84 -23.11 24.27
C GLN B 324 -6.64 -22.29 23.24
N GLN B 325 -7.51 -21.36 23.70
CA GLN B 325 -8.19 -20.44 22.80
C GLN B 325 -7.40 -19.15 22.65
N TYR B 326 -6.93 -18.52 23.78
CA TYR B 326 -6.33 -17.19 23.63
C TYR B 326 -4.84 -17.20 23.36
N LEU B 327 -4.20 -18.39 23.26
CA LEU B 327 -2.82 -18.52 22.78
C LEU B 327 -2.97 -19.13 21.37
N ARG B 328 -2.65 -18.33 20.34
CA ARG B 328 -2.88 -18.74 18.95
C ARG B 328 -1.66 -19.48 18.39
N PRO B 329 -1.82 -20.74 17.96
CA PRO B 329 -0.65 -21.49 17.45
C PRO B 329 -0.07 -20.85 16.19
N VAL B 330 1.26 -20.71 16.18
CA VAL B 330 2.01 -20.14 15.04
C VAL B 330 3.25 -20.98 14.82
N GLU B 331 3.75 -21.00 13.60
CA GLU B 331 4.97 -21.72 13.32
C GLU B 331 6.16 -20.85 13.69
N ASP B 332 7.20 -21.49 14.21
CA ASP B 332 8.46 -20.87 14.66
C ASP B 332 9.18 -20.20 13.49
N SER B 336 11.43 -25.59 13.50
CA SER B 336 11.70 -26.38 14.69
C SER B 336 10.51 -27.31 14.99
N GLN B 337 10.66 -28.15 16.03
CA GLN B 337 9.62 -29.02 16.52
C GLN B 337 8.96 -28.42 17.77
N ASP B 338 9.31 -27.17 18.10
CA ASP B 338 8.69 -26.54 19.26
C ASP B 338 7.24 -26.19 18.99
N ASP B 339 6.47 -26.05 20.08
CA ASP B 339 5.10 -25.59 20.04
C ASP B 339 5.13 -24.11 20.39
N CYS B 340 4.72 -23.27 19.43
CA CYS B 340 4.78 -21.81 19.55
C CYS B 340 3.44 -21.16 19.42
N TYR B 341 3.29 -20.00 20.07
CA TYR B 341 2.03 -19.27 20.07
C TYR B 341 2.24 -17.78 20.13
N LYS B 342 1.21 -17.04 19.72
CA LYS B 342 1.13 -15.61 19.95
C LYS B 342 -0.01 -15.37 20.95
N PHE B 343 0.11 -14.33 21.78
CA PHE B 343 -0.95 -13.94 22.71
C PHE B 343 -2.04 -13.25 21.88
N ALA B 344 -3.25 -13.87 21.84
CA ALA B 344 -4.34 -13.39 20.99
C ALA B 344 -5.37 -12.56 21.73
N ILE B 345 -4.89 -11.74 22.66
CA ILE B 345 -5.71 -10.73 23.35
C ILE B 345 -5.00 -9.43 23.12
N SER B 346 -5.73 -8.42 22.61
CA SER B 346 -5.11 -7.14 22.29
C SER B 346 -6.02 -5.99 22.57
N GLN B 347 -5.45 -4.77 22.57
CA GLN B 347 -6.17 -3.56 22.92
C GLN B 347 -7.05 -3.08 21.78
N SER B 348 -8.14 -2.41 22.13
CA SER B 348 -9.09 -1.80 21.18
C SER B 348 -9.45 -0.38 21.64
N SER B 349 -9.74 0.51 20.65
CA SER B 349 -10.25 1.86 20.92
C SER B 349 -11.70 1.93 20.41
N THR B 350 -12.23 0.79 19.91
CA THR B 350 -13.58 0.70 19.36
C THR B 350 -14.44 -0.35 20.06
N GLY B 351 -14.14 -0.63 21.34
CA GLY B 351 -14.94 -1.56 22.12
C GLY B 351 -14.42 -2.99 22.15
N THR B 352 -15.14 -3.85 22.85
CA THR B 352 -14.73 -5.26 22.93
C THR B 352 -15.06 -5.94 21.60
N VAL B 353 -14.15 -6.81 21.16
CA VAL B 353 -14.39 -7.62 19.96
C VAL B 353 -14.17 -9.07 20.33
N MET B 354 -15.25 -9.85 20.25
CA MET B 354 -15.11 -11.29 20.51
C MET B 354 -14.79 -11.90 19.13
N GLY B 355 -13.50 -12.03 18.86
CA GLY B 355 -13.00 -12.52 17.58
C GLY B 355 -12.98 -14.02 17.45
N ALA B 356 -12.34 -14.48 16.38
CA ALA B 356 -12.32 -15.90 16.06
C ALA B 356 -11.70 -16.77 17.14
N VAL B 357 -10.66 -16.30 17.87
CA VAL B 357 -10.08 -17.18 18.91
C VAL B 357 -11.10 -17.45 20.03
N ILE B 358 -12.02 -16.51 20.30
CA ILE B 358 -13.10 -16.71 21.27
C ILE B 358 -14.13 -17.66 20.66
N MET B 359 -14.55 -17.35 19.40
CA MET B 359 -15.54 -18.18 18.72
C MET B 359 -15.10 -19.63 18.59
N GLU B 360 -13.76 -19.90 18.53
CA GLU B 360 -13.29 -21.27 18.41
C GLU B 360 -13.64 -22.13 19.63
N GLY B 361 -13.97 -21.51 20.76
CA GLY B 361 -14.37 -22.32 21.91
C GLY B 361 -15.83 -22.75 21.86
N PHE B 362 -16.64 -22.09 20.99
CA PHE B 362 -18.09 -22.24 21.04
C PHE B 362 -18.77 -22.47 19.72
N TYR B 363 -19.97 -23.07 19.79
CA TYR B 363 -20.89 -23.07 18.66
C TYR B 363 -21.71 -21.82 18.90
N VAL B 364 -21.73 -20.90 17.89
CA VAL B 364 -22.38 -19.61 18.05
C VAL B 364 -23.57 -19.49 17.09
N VAL B 365 -24.75 -19.23 17.66
CA VAL B 365 -25.99 -19.18 16.90
C VAL B 365 -26.42 -17.73 16.75
N PHE B 366 -26.43 -17.23 15.51
CA PHE B 366 -26.83 -15.86 15.20
C PHE B 366 -28.31 -15.92 14.87
N ASP B 367 -29.13 -15.87 15.93
CA ASP B 367 -30.57 -16.00 15.79
C ASP B 367 -31.19 -14.65 15.51
N ARG B 368 -31.09 -14.24 14.23
CA ARG B 368 -31.59 -12.93 13.84
C ARG B 368 -33.10 -12.83 14.03
N ALA B 369 -33.83 -13.92 13.77
CA ALA B 369 -35.29 -13.93 13.91
C ALA B 369 -35.75 -13.57 15.32
N ARG B 370 -34.99 -14.02 16.36
CA ARG B 370 -35.35 -13.80 17.75
C ARG B 370 -34.40 -12.79 18.43
N LYS B 371 -33.61 -12.03 17.62
CA LYS B 371 -32.73 -10.96 18.08
C LYS B 371 -31.85 -11.45 19.27
N ARG B 372 -31.16 -12.57 19.07
CA ARG B 372 -30.35 -13.12 20.17
C ARG B 372 -29.18 -13.92 19.61
N ILE B 373 -28.12 -14.08 20.42
CA ILE B 373 -26.98 -14.89 20.01
C ILE B 373 -26.85 -15.99 21.05
N GLY B 374 -26.73 -17.22 20.57
CA GLY B 374 -26.57 -18.39 21.42
C GLY B 374 -25.16 -18.89 21.45
N PHE B 375 -24.74 -19.40 22.63
CA PHE B 375 -23.41 -19.98 22.80
C PHE B 375 -23.59 -21.34 23.44
N ALA B 376 -22.84 -22.30 22.93
CA ALA B 376 -22.70 -23.61 23.54
C ALA B 376 -21.26 -24.05 23.39
N VAL B 377 -20.80 -24.96 24.28
CA VAL B 377 -19.44 -25.48 24.13
C VAL B 377 -19.29 -26.17 22.77
N SER B 378 -18.24 -25.82 22.03
CA SER B 378 -18.05 -26.42 20.72
C SER B 378 -17.55 -27.84 20.82
N ALA B 379 -18.08 -28.70 19.94
CA ALA B 379 -17.60 -30.07 19.83
C ALA B 379 -16.14 -30.12 19.26
N CYS B 380 -15.62 -28.99 18.71
CA CYS B 380 -14.26 -28.99 18.20
C CYS B 380 -13.33 -28.02 18.98
N HIS B 381 -13.72 -27.59 20.21
CA HIS B 381 -12.78 -26.71 20.91
C HIS B 381 -11.56 -27.50 21.41
N VAL B 382 -10.41 -26.82 21.45
CA VAL B 382 -9.16 -27.41 21.92
C VAL B 382 -9.11 -27.27 23.44
N HIS B 383 -8.73 -28.37 24.10
CA HIS B 383 -8.62 -28.35 25.56
C HIS B 383 -7.57 -29.36 26.00
N ASP B 384 -7.46 -29.61 27.30
CA ASP B 384 -6.55 -30.60 27.82
C ASP B 384 -7.34 -31.56 28.71
N GLU B 385 -6.65 -32.48 29.40
CA GLU B 385 -7.38 -33.45 30.23
C GLU B 385 -7.92 -32.85 31.52
N PHE B 386 -7.46 -31.65 31.88
CA PHE B 386 -7.84 -31.07 33.17
C PHE B 386 -8.90 -29.98 33.13
N ARG B 387 -9.01 -29.27 32.00
CA ARG B 387 -9.96 -28.15 31.88
C ARG B 387 -10.62 -28.18 30.52
N THR B 388 -11.84 -27.63 30.47
CA THR B 388 -12.58 -27.50 29.20
C THR B 388 -13.19 -26.11 29.14
N ALA B 389 -13.53 -25.67 27.93
CA ALA B 389 -14.32 -24.44 27.81
C ALA B 389 -15.73 -24.76 28.43
N ALA B 390 -16.46 -23.73 28.77
CA ALA B 390 -17.76 -23.90 29.39
C ALA B 390 -18.73 -22.82 29.03
N VAL B 391 -20.02 -23.15 29.10
CA VAL B 391 -21.12 -22.18 28.95
C VAL B 391 -22.06 -22.57 30.09
N GLU B 392 -22.22 -21.68 31.08
CA GLU B 392 -22.92 -22.04 32.32
C GLU B 392 -23.81 -20.94 32.79
N GLY B 393 -24.87 -21.34 33.48
CA GLY B 393 -25.79 -20.36 34.03
C GLY B 393 -26.90 -21.05 34.78
N PRO B 394 -27.84 -20.28 35.31
CA PRO B 394 -27.89 -18.82 35.35
C PRO B 394 -27.21 -18.25 36.60
N PHE B 395 -26.92 -16.95 36.55
CA PHE B 395 -26.42 -16.16 37.68
C PHE B 395 -27.33 -14.97 37.87
N VAL B 396 -27.57 -14.60 39.14
CA VAL B 396 -28.38 -13.41 39.38
C VAL B 396 -27.47 -12.20 39.18
N THR B 397 -27.85 -11.28 38.25
CA THR B 397 -27.06 -10.09 37.97
C THR B 397 -28.01 -8.91 37.85
N LEU B 398 -27.79 -7.87 38.68
CA LEU B 398 -28.68 -6.71 38.67
C LEU B 398 -28.17 -5.58 37.82
N ASP B 399 -29.10 -4.69 37.40
CA ASP B 399 -28.83 -3.46 36.64
C ASP B 399 -27.94 -3.68 35.42
N MET B 400 -28.20 -4.76 34.66
CA MET B 400 -27.37 -5.10 33.49
C MET B 400 -27.48 -4.09 32.37
N GLU B 401 -28.61 -3.36 32.28
CA GLU B 401 -28.77 -2.30 31.27
C GLU B 401 -27.74 -1.19 31.47
N ASP B 402 -27.30 -0.97 32.73
CA ASP B 402 -26.27 0.02 33.08
C ASP B 402 -24.91 -0.34 32.51
N CYS B 403 -24.73 -1.60 32.10
CA CYS B 403 -23.45 -2.03 31.51
C CYS B 403 -23.32 -1.57 30.07
N GLY B 404 -24.45 -1.28 29.42
CA GLY B 404 -24.45 -0.81 28.05
C GLY B 404 -24.00 0.64 27.99
N TYR B 405 -23.22 0.97 26.97
CA TYR B 405 -22.74 2.32 26.78
C TYR B 405 -23.66 3.09 25.82
N ASN B 406 -23.91 4.37 26.13
CA ASN B 406 -24.71 5.26 25.28
C ASN B 406 -23.87 6.49 24.93
C1 60T C . 20.86 1.67 -18.13
C2 60T C . 19.60 3.36 -19.02
F2 60T C . 16.52 8.65 -19.33
C3 60T C . 21.79 3.27 -19.62
C4 60T C . 22.76 5.15 -20.71
C5 60T C . 18.30 5.17 -19.98
C6 60T C . 16.95 5.76 -19.57
C7 60T C . 16.10 6.52 -17.36
N1 60T C . 20.62 3.86 -19.74
N2 60T C . 18.40 4.02 -19.10
N3 60T C . 17.11 6.39 -18.23
N4 60T C . 16.17 7.34 -16.35
C8 60T C . 13.76 6.04 -16.69
C10 60T C . 16.09 4.48 -19.30
C17 60T C . 16.18 8.10 -20.51
C16 60T C . 15.70 8.92 -21.50
C15 60T C . 15.39 8.37 -22.73
C14 60T C . 15.60 7.02 -22.98
C13 60T C . 16.09 6.23 -21.96
F1 60T C . 16.36 4.94 -22.24
C12 60T C . 16.41 6.69 -20.67
C9 60T C . 14.88 4.73 -18.42
O1 60T C . 13.90 4.01 -18.48
N5 60T C . 14.93 5.81 -17.56
C11 60T C . 17.09 3.51 -18.66
N 60T C . 19.66 2.29 -18.21
C18 60T C . 20.94 0.47 -17.23
C 60T C . 21.97 2.14 -18.83
F 60T C . 23.15 1.50 -18.84
O 60T C . 22.89 3.82 -20.15
O1 TLA D . -8.27 -22.72 -7.66
O11 TLA D . -9.85 -24.29 -7.56
C1 TLA D . -9.04 -23.42 -7.03
C2 TLA D . -9.20 -23.25 -5.51
O2 TLA D . -8.30 -22.30 -5.02
C3 TLA D . -9.01 -24.59 -4.79
O3 TLA D . -7.69 -25.07 -5.02
C4 TLA D . -9.25 -24.40 -3.30
O4 TLA D . -8.37 -24.64 -2.48
O41 TLA D . -10.44 -23.96 -2.98
C1 60T E . -16.73 -2.72 5.85
C2 60T E . -15.17 -4.40 6.03
F2 60T E . -12.71 -9.49 8.44
C3 60T E . -16.65 -4.55 4.30
C4 60T E . -16.74 -6.56 3.03
C5 60T E . -13.64 -6.27 6.31
C6 60T E . -12.82 -6.69 7.54
C7 60T E . -13.62 -7.11 9.87
N1 60T E . -15.62 -5.07 4.95
N2 60T E . -14.12 -4.94 6.69
N3 60T E . -13.81 -7.15 8.54
N4 60T E . -14.37 -7.80 10.68
C8 60T E . -12.25 -6.39 11.80
C10 60T E . -12.27 -5.35 8.12
C17 60T E . -11.67 -9.05 7.68
C16 60T E . -10.67 -9.94 7.40
C15 60T E . -9.64 -9.53 6.56
C14 60T E . -9.65 -8.26 5.99
C13 60T E . -10.68 -7.41 6.31
F1 60T E . -10.69 -6.18 5.76
C12 60T E . -11.74 -7.73 7.17
C9 60T E . -11.91 -5.42 9.59
O1 60T E . -11.05 -4.71 10.05
N5 60T E . -12.59 -6.35 10.36
C11 60T E . -13.42 -4.35 7.85
N 60T E . -15.69 -3.25 6.53
C18 60T E . -17.34 -1.47 6.41
C 60T E . -17.24 -3.35 4.69
F 60T E . -18.21 -2.82 3.94
O 60T E . -17.28 -5.27 3.34
#